data_8KCX
#
_entry.id   8KCX
#
_cell.length_a   1.00
_cell.length_b   1.00
_cell.length_c   1.00
_cell.angle_alpha   90.00
_cell.angle_beta   90.00
_cell.angle_gamma   90.00
#
_symmetry.space_group_name_H-M   'P 1'
#
loop_
_entity.id
_entity.type
_entity.pdbx_description
1 polymer 'SID1 transmembrane family member 1'
2 branched beta-D-mannopyranose-(1-4)-2-acetamido-2-deoxy-beta-D-glucopyranose-(1-4)-2-acetamido-2-deoxy-beta-D-glucopyranose
3 branched 2-acetamido-2-deoxy-beta-D-glucopyranose-(1-4)-2-acetamido-2-deoxy-beta-D-glucopyranose
4 non-polymer 'ZINC ION'
#
_entity_poly.entity_id   1
_entity_poly.type   'polypeptide(L)'
_entity_poly.pdbx_seq_one_letter_code
;MRGCLRLALLCALPWLLLAASPGHPAKSPRQPPAPRRDPFDAARGADFDHVYSGVVNLSTENIYSFNYTSQPDQVTAVRV
YVNSSSENLNYPVLVVVRQQKEVLSWQVPLLFQGLYQRSYNYQEVSRTLCPSEATNETGPLQQLIFVDVASMAPLGAQYK
LLVTKLKHFQLRTNVAFHFTASPSQPQYFLYKFPKDVDSVIIKVVSEMAYPCSVVSVQNIMCPVYDLDHNVEFNGVYQSM
TKKAAITLQKKDFPGEQFFVVFVIKPEDYACGGSFFIQEKENQTWNLQRKKNLEVTIVPSIKESVYVKSSLFSVFIFLSF
YLGCLLVGFVHYLRFQRKSIDGSFGSNDGSGNMVASHPIAASTPEGSNYGTIDESSSSPGRQMSSSDGGPPGQSDTDSSV
EESDFDTMPDIESDKNIIRTKMFLYLSDLSRKDRRIVSKKYKIYFWNIITIAVFYALPVIQLVITYQTVVNVTGNQDICY
YNFLCAHPLGVLSAFNNILSNLGHVLLGFLFLLIVLRRDILHRRALEAKDIFAVEYGIPKHFGLFYAMGIALMMEGVLSA
CYHVCPNYSNFQFDTSFMYMIAGLCMLKLYQTRHPDINASAYSAYASFAVVIMVTVLGVVFGKNDVWFWVIFSAIHVLAS
LALSTQIYYMGRFKIDLGIFRRAAMVFYTDCIQQCSRPLYMDRMVLLVVGNLVNWSFALFGLIYRPRDFASYMLGIFICN
LLLYLAFYIIMKLRSSEKVLPVPLFCIVATAVMWAAALYFFFQNLSSWEGTPAESREKNRECILLDFFDDHDIWHFLSAT
ALFFSFLVLLTLDDDLDVVRRDQIPVFENLYFQGDYKDDDDKHHHHHHHH
;
_entity_poly.pdbx_strand_id   A,C
#
loop_
_chem_comp.id
_chem_comp.type
_chem_comp.name
_chem_comp.formula
BMA D-saccharide, beta linking beta-D-mannopyranose 'C6 H12 O6'
NAG D-saccharide, beta linking 2-acetamido-2-deoxy-beta-D-glucopyranose 'C8 H15 N O6'
ZN non-polymer 'ZINC ION' 'Zn 2'
#
# COMPACT_ATOMS: atom_id res chain seq x y z
N ARG A 44 13.62 50.85 1.90
CA ARG A 44 15.05 51.04 1.77
C ARG A 44 15.61 50.33 0.55
N GLY A 45 16.26 51.09 -0.33
CA GLY A 45 16.89 50.49 -1.49
C GLY A 45 18.12 49.70 -1.09
N ALA A 46 18.23 48.48 -1.60
CA ALA A 46 19.30 47.58 -1.21
C ALA A 46 19.90 46.92 -2.44
N ASP A 47 21.13 46.43 -2.28
CA ASP A 47 21.89 45.84 -3.37
C ASP A 47 22.09 44.36 -3.12
N PHE A 48 22.24 43.61 -4.22
CA PHE A 48 22.51 42.19 -4.12
C PHE A 48 23.94 41.94 -3.67
N ASP A 49 24.18 40.72 -3.18
CA ASP A 49 25.50 40.22 -2.76
C ASP A 49 26.14 41.07 -1.67
N HIS A 50 25.32 41.63 -0.78
CA HIS A 50 25.79 42.45 0.32
C HIS A 50 25.15 41.96 1.60
N VAL A 51 25.97 41.74 2.62
CA VAL A 51 25.47 41.23 3.90
C VAL A 51 24.99 42.40 4.74
N TYR A 52 23.67 42.55 4.84
CA TYR A 52 23.07 43.58 5.68
C TYR A 52 22.86 43.02 7.09
N SER A 53 23.28 43.77 8.08
CA SER A 53 23.08 43.41 9.47
C SER A 53 22.24 44.47 10.15
N GLY A 54 21.59 44.09 11.24
CA GLY A 54 20.77 45.03 11.97
C GLY A 54 20.24 44.43 13.25
N VAL A 55 19.60 45.28 14.03
CA VAL A 55 18.93 44.89 15.27
C VAL A 55 17.48 45.31 15.16
N VAL A 56 16.57 44.37 15.37
CA VAL A 56 15.14 44.65 15.29
C VAL A 56 14.50 44.23 16.61
N ASN A 57 13.43 44.93 16.97
CA ASN A 57 12.67 44.59 18.17
C ASN A 57 11.21 44.98 17.93
N LEU A 58 10.45 45.18 19.01
CA LEU A 58 9.00 45.36 18.92
C LEU A 58 8.62 46.62 18.15
N SER A 59 9.34 47.72 18.36
CA SER A 59 8.95 48.96 17.71
C SER A 59 9.48 49.05 16.27
N THR A 60 10.74 48.68 16.06
CA THR A 60 11.33 48.80 14.73
C THR A 60 10.94 47.62 13.85
N GLU A 61 11.03 47.85 12.53
CA GLU A 61 10.80 46.81 11.55
C GLU A 61 11.53 47.20 10.28
N ASN A 62 12.61 46.49 9.97
CA ASN A 62 13.41 46.82 8.79
C ASN A 62 12.78 46.25 7.54
N ILE A 63 12.73 47.06 6.49
CA ILE A 63 12.19 46.66 5.19
C ILE A 63 13.23 46.97 4.13
N TYR A 64 13.66 45.95 3.40
CA TYR A 64 14.63 46.09 2.33
C TYR A 64 13.94 45.87 1.00
N SER A 65 14.16 46.76 0.05
CA SER A 65 13.60 46.65 -1.28
C SER A 65 14.71 46.27 -2.26
N PHE A 66 14.48 45.21 -3.02
CA PHE A 66 15.45 44.72 -4.00
C PHE A 66 14.86 44.84 -5.39
N ASN A 67 15.63 45.42 -6.29
CA ASN A 67 15.16 45.78 -7.62
C ASN A 67 16.10 45.16 -8.65
N TYR A 68 15.53 44.42 -9.59
CA TYR A 68 16.32 43.77 -10.64
C TYR A 68 15.43 43.55 -11.85
N THR A 69 16.05 43.06 -12.91
CA THR A 69 15.36 42.81 -14.17
C THR A 69 15.66 41.40 -14.65
N SER A 70 14.73 40.85 -15.44
CA SER A 70 14.86 39.50 -15.97
C SER A 70 14.95 39.55 -17.48
N GLN A 71 15.96 38.88 -18.03
CA GLN A 71 16.16 38.88 -19.47
C GLN A 71 15.12 38.02 -20.17
N PRO A 72 14.77 38.33 -21.42
CA PRO A 72 13.74 37.55 -22.13
C PRO A 72 14.19 36.17 -22.57
N ASP A 73 15.44 35.79 -22.37
CA ASP A 73 15.86 34.42 -22.64
C ASP A 73 16.53 33.77 -21.44
N GLN A 74 17.33 34.54 -20.69
CA GLN A 74 17.96 34.02 -19.48
C GLN A 74 16.96 33.99 -18.34
N VAL A 75 17.01 32.93 -17.54
CA VAL A 75 16.15 32.79 -16.37
C VAL A 75 17.01 32.95 -15.11
N THR A 76 16.53 33.80 -14.20
CA THR A 76 17.27 34.12 -12.99
C THR A 76 16.46 33.75 -11.76
N ALA A 77 17.16 33.37 -10.70
CA ALA A 77 16.54 33.02 -9.44
C ALA A 77 17.24 33.76 -8.31
N VAL A 78 16.48 34.07 -7.27
CA VAL A 78 16.94 34.88 -6.15
C VAL A 78 16.94 34.01 -4.91
N ARG A 79 18.06 34.02 -4.17
CA ARG A 79 18.17 33.29 -2.92
C ARG A 79 18.36 34.27 -1.77
N VAL A 80 17.66 34.02 -0.66
CA VAL A 80 17.67 34.88 0.51
C VAL A 80 18.26 34.10 1.67
N TYR A 81 19.29 34.66 2.30
CA TYR A 81 19.94 34.05 3.46
C TYR A 81 19.69 34.93 4.68
N VAL A 82 19.18 34.33 5.75
CA VAL A 82 18.98 35.03 7.02
C VAL A 82 19.69 34.27 8.12
N ASN A 83 20.49 34.96 8.91
CA ASN A 83 21.11 34.43 10.12
C ASN A 83 20.42 35.02 11.34
N SER A 84 20.59 34.36 12.48
CA SER A 84 20.07 34.87 13.75
C SER A 84 20.92 34.29 14.88
N SER A 85 21.81 35.10 15.42
CA SER A 85 22.65 34.67 16.54
C SER A 85 21.92 34.68 17.87
N SER A 86 20.78 35.36 17.96
CA SER A 86 20.03 35.44 19.21
C SER A 86 19.34 34.11 19.47
N GLU A 87 19.59 33.51 20.63
CA GLU A 87 19.06 32.20 20.97
C GLU A 87 17.92 32.28 21.97
N ASN A 88 17.23 33.43 22.04
CA ASN A 88 15.99 33.52 22.79
C ASN A 88 14.89 32.91 21.93
N LEU A 89 14.51 31.68 22.26
CA LEU A 89 13.56 30.95 21.43
C LEU A 89 12.12 31.44 21.61
N ASN A 90 11.83 32.23 22.64
CA ASN A 90 10.50 32.77 22.82
C ASN A 90 10.22 33.96 21.93
N TYR A 91 11.28 34.58 21.41
CA TYR A 91 11.13 35.79 20.55
C TYR A 91 11.94 35.60 19.27
N PRO A 92 11.48 34.81 18.27
CA PRO A 92 12.26 34.59 17.05
C PRO A 92 12.21 35.80 16.13
N VAL A 93 13.01 35.72 15.08
CA VAL A 93 13.06 36.75 14.04
C VAL A 93 12.14 36.31 12.91
N LEU A 94 11.12 37.11 12.62
CA LEU A 94 10.12 36.77 11.61
C LEU A 94 10.46 37.51 10.32
N VAL A 95 10.70 36.75 9.25
CA VAL A 95 11.11 37.28 7.96
C VAL A 95 9.99 37.05 6.96
N VAL A 96 9.58 38.11 6.28
CA VAL A 96 8.54 38.04 5.26
C VAL A 96 9.11 38.56 3.96
N VAL A 97 9.03 37.75 2.91
CA VAL A 97 9.50 38.13 1.58
C VAL A 97 8.29 38.28 0.68
N ARG A 98 8.08 39.48 0.15
CA ARG A 98 6.93 39.79 -0.69
C ARG A 98 7.39 39.97 -2.14
N GLN A 99 6.66 39.36 -3.05
CA GLN A 99 6.86 39.53 -4.48
C GLN A 99 5.59 40.13 -5.08
N GLN A 100 5.51 40.13 -6.41
CA GLN A 100 4.31 40.65 -7.06
C GLN A 100 3.14 39.68 -6.89
N LYS A 101 3.38 38.39 -7.07
CA LYS A 101 2.31 37.39 -7.05
C LYS A 101 2.47 36.37 -5.95
N GLU A 102 3.41 36.55 -5.03
CA GLU A 102 3.68 35.52 -4.04
C GLU A 102 4.23 36.18 -2.78
N VAL A 103 3.90 35.59 -1.63
CA VAL A 103 4.42 36.02 -0.35
C VAL A 103 5.00 34.81 0.37
N LEU A 104 6.23 34.95 0.87
CA LEU A 104 6.90 33.90 1.61
C LEU A 104 7.18 34.40 3.01
N SER A 105 7.07 33.51 3.99
CA SER A 105 7.33 33.90 5.38
C SER A 105 7.92 32.72 6.12
N TRP A 106 8.89 33.01 6.99
CA TRP A 106 9.47 32.00 7.85
C TRP A 106 10.04 32.70 9.08
N GLN A 107 10.33 31.91 10.10
CA GLN A 107 10.90 32.42 11.33
C GLN A 107 12.31 31.85 11.53
N VAL A 108 13.21 32.71 12.00
CA VAL A 108 14.60 32.33 12.28
C VAL A 108 14.82 32.51 13.78
N PRO A 109 15.28 31.49 14.50
CA PRO A 109 15.70 30.15 14.08
C PRO A 109 14.56 29.19 13.78
N LEU A 110 14.77 28.29 12.83
CA LEU A 110 13.77 27.31 12.45
C LEU A 110 13.63 26.27 13.54
N LEU A 111 12.40 25.77 13.73
CA LEU A 111 12.12 24.76 14.73
C LEU A 111 11.56 23.53 14.03
N PHE A 112 12.12 22.37 14.37
CA PHE A 112 11.64 21.09 13.86
C PHE A 112 11.25 20.20 15.03
N GLN A 113 10.04 19.65 14.98
CA GLN A 113 9.56 18.76 16.02
C GLN A 113 9.90 17.33 15.63
N GLY A 114 10.92 16.78 16.28
CA GLY A 114 11.32 15.42 16.01
C GLY A 114 10.45 14.42 16.73
N LEU A 115 10.73 13.15 16.48
CA LEU A 115 10.05 12.07 17.18
C LEU A 115 10.55 11.98 18.61
N TYR A 116 9.69 11.42 19.48
CA TYR A 116 9.96 11.18 20.89
C TYR A 116 10.33 12.46 21.64
N GLN A 117 9.61 13.54 21.33
CA GLN A 117 9.72 14.85 21.99
C GLN A 117 11.13 15.43 21.89
N ARG A 118 11.56 15.67 20.65
CA ARG A 118 12.85 16.27 20.38
C ARG A 118 12.67 17.50 19.51
N SER A 119 13.49 18.52 19.77
CA SER A 119 13.41 19.78 19.05
C SER A 119 14.80 20.18 18.57
N TYR A 120 14.84 20.86 17.43
CA TYR A 120 16.08 21.28 16.81
C TYR A 120 15.99 22.75 16.42
N ASN A 121 17.12 23.45 16.52
CA ASN A 121 17.21 24.84 16.11
C ASN A 121 18.14 24.95 14.92
N TYR A 122 17.89 25.97 14.09
CA TYR A 122 18.71 26.21 12.90
C TYR A 122 18.83 27.72 12.74
N GLN A 123 19.98 28.27 13.11
CA GLN A 123 20.16 29.72 13.09
C GLN A 123 20.34 30.27 11.68
N GLU A 124 20.70 29.44 10.70
CA GLU A 124 20.89 29.88 9.33
C GLU A 124 19.78 29.29 8.48
N VAL A 125 18.90 30.14 7.96
CA VAL A 125 17.77 29.72 7.14
C VAL A 125 17.91 30.36 5.77
N SER A 126 17.85 29.55 4.72
CA SER A 126 17.96 30.02 3.36
C SER A 126 16.78 29.54 2.55
N ARG A 127 16.43 30.30 1.51
CA ARG A 127 15.29 29.98 0.68
C ARG A 127 15.48 30.60 -0.70
N THR A 128 15.03 29.88 -1.73
CA THR A 128 15.13 30.34 -3.11
C THR A 128 13.73 30.67 -3.60
N LEU A 129 13.54 31.91 -4.05
CA LEU A 129 12.23 32.37 -4.47
C LEU A 129 11.86 31.78 -5.83
N CYS A 130 10.56 31.71 -6.09
CA CYS A 130 10.06 31.13 -7.32
C CYS A 130 10.36 32.06 -8.49
N PRO A 131 11.10 31.63 -9.51
CA PRO A 131 11.43 32.51 -10.61
C PRO A 131 10.26 32.69 -11.57
N SER A 132 10.21 33.88 -12.17
CA SER A 132 9.27 34.18 -13.24
C SER A 132 10.06 34.33 -14.53
N GLU A 133 9.75 33.50 -15.51
CA GLU A 133 10.51 33.47 -16.74
C GLU A 133 9.94 34.48 -17.73
N ALA A 134 10.81 35.35 -18.24
CA ALA A 134 10.42 36.30 -19.28
C ALA A 134 10.62 35.66 -20.65
N THR A 135 9.66 35.89 -21.53
CA THR A 135 9.70 35.35 -22.88
C THR A 135 9.95 36.46 -23.88
N ASN A 136 9.94 36.10 -25.16
CA ASN A 136 10.10 37.09 -26.22
C ASN A 136 8.85 37.95 -26.37
N GLU A 137 7.68 37.41 -26.00
CA GLU A 137 6.44 38.15 -26.13
C GLU A 137 6.28 39.22 -25.06
N THR A 138 7.02 39.12 -23.95
CA THR A 138 6.95 40.11 -22.89
C THR A 138 8.17 41.02 -22.82
N GLY A 139 9.30 40.61 -23.38
CA GLY A 139 10.51 41.39 -23.29
C GLY A 139 11.11 41.31 -21.90
N PRO A 140 12.01 42.23 -21.58
CA PRO A 140 12.54 42.30 -20.21
C PRO A 140 11.48 42.74 -19.23
N LEU A 141 11.57 42.21 -18.01
CA LEU A 141 10.58 42.46 -16.97
C LEU A 141 11.28 42.98 -15.73
N GLN A 142 10.83 44.14 -15.24
CA GLN A 142 11.29 44.65 -13.96
C GLN A 142 10.56 43.94 -12.83
N GLN A 143 11.30 43.64 -11.76
CA GLN A 143 10.71 42.93 -10.63
C GLN A 143 11.16 43.57 -9.33
N LEU A 144 10.28 43.52 -8.34
CA LEU A 144 10.53 44.07 -7.02
C LEU A 144 10.40 42.98 -5.98
N ILE A 145 11.28 43.01 -4.98
CA ILE A 145 11.23 42.08 -3.86
C ILE A 145 11.37 42.89 -2.58
N PHE A 146 10.38 42.78 -1.70
CA PHE A 146 10.44 43.42 -0.40
C PHE A 146 10.72 42.36 0.65
N VAL A 147 11.73 42.60 1.48
CA VAL A 147 12.09 41.68 2.55
C VAL A 147 11.85 42.39 3.87
N ASP A 148 10.78 42.02 4.56
CA ASP A 148 10.42 42.63 5.83
C ASP A 148 10.95 41.75 6.96
N VAL A 149 11.80 42.31 7.80
CA VAL A 149 12.38 41.60 8.94
C VAL A 149 11.86 42.26 10.20
N ALA A 150 11.21 41.46 11.05
CA ALA A 150 10.60 41.99 12.26
C ALA A 150 10.66 40.95 13.36
N SER A 151 10.51 41.44 14.59
CA SER A 151 10.46 40.56 15.75
C SER A 151 9.70 41.25 16.86
N MET A 152 9.28 40.48 17.86
CA MET A 152 8.51 41.05 19.00
C MET A 152 9.37 40.97 20.28
N ALA A 153 10.70 40.86 20.12
CA ALA A 153 11.57 40.81 21.29
C ALA A 153 11.56 42.14 22.01
N PRO A 154 11.60 42.15 23.35
CA PRO A 154 11.64 43.43 24.06
C PRO A 154 12.97 44.14 23.95
N LEU A 155 14.09 43.41 24.06
CA LEU A 155 15.40 44.04 23.98
C LEU A 155 15.83 44.25 22.54
N GLY A 156 15.92 43.19 21.78
CA GLY A 156 16.33 43.25 20.39
C GLY A 156 16.99 41.94 19.98
N ALA A 157 16.79 41.59 18.71
CA ALA A 157 17.35 40.38 18.15
C ALA A 157 18.25 40.73 16.98
N GLN A 158 19.44 40.14 16.94
CA GLN A 158 20.38 40.38 15.85
C GLN A 158 20.07 39.48 14.67
N TYR A 159 20.31 39.99 13.47
CA TYR A 159 20.09 39.22 12.26
C TYR A 159 21.05 39.70 11.18
N LYS A 160 21.35 38.81 10.25
CA LYS A 160 22.16 39.12 9.09
C LYS A 160 21.44 38.66 7.84
N LEU A 161 21.23 39.57 6.90
CA LEU A 161 20.49 39.29 5.68
C LEU A 161 21.42 39.41 4.48
N LEU A 162 21.40 38.40 3.61
CA LEU A 162 22.16 38.44 2.37
C LEU A 162 21.30 37.90 1.24
N VAL A 163 21.19 38.67 0.17
CA VAL A 163 20.34 38.31 -0.97
C VAL A 163 21.22 38.28 -2.21
N THR A 164 21.33 37.11 -2.83
CA THR A 164 22.15 36.92 -4.02
C THR A 164 21.31 36.37 -5.16
N LYS A 165 21.79 36.60 -6.38
CA LYS A 165 21.25 35.93 -7.55
C LYS A 165 21.97 34.63 -7.77
N LEU A 166 21.27 33.66 -8.36
CA LEU A 166 21.84 32.35 -8.62
C LEU A 166 22.31 32.29 -10.06
N LYS A 167 23.61 32.09 -10.26
CA LYS A 167 24.19 31.98 -11.58
C LYS A 167 24.21 30.55 -12.11
N HIS A 168 23.87 29.58 -11.27
CA HIS A 168 23.85 28.17 -11.66
C HIS A 168 22.48 27.57 -11.43
N PHE A 169 21.42 28.32 -11.75
CA PHE A 169 20.07 27.83 -11.51
C PHE A 169 19.66 26.79 -12.55
N GLN A 170 20.05 26.98 -13.80
CA GLN A 170 19.67 26.06 -14.87
C GLN A 170 20.67 24.92 -14.96
N LEU A 171 20.17 23.69 -15.00
CA LEU A 171 21.01 22.52 -15.10
C LEU A 171 21.27 22.17 -16.56
N ARG A 172 22.37 21.48 -16.82
CA ARG A 172 22.79 21.13 -18.16
C ARG A 172 22.78 19.62 -18.31
N THR A 173 22.56 19.17 -19.55
CA THR A 173 22.55 17.74 -19.85
C THR A 173 23.96 17.17 -19.78
N ASN A 174 24.08 16.01 -19.14
CA ASN A 174 25.33 15.23 -19.02
C ASN A 174 26.45 16.00 -18.32
N VAL A 175 26.09 16.95 -17.46
CA VAL A 175 27.08 17.75 -16.73
C VAL A 175 26.78 17.59 -15.25
N ALA A 176 27.77 17.13 -14.50
CA ALA A 176 27.62 16.98 -13.06
C ALA A 176 27.69 18.33 -12.37
N PHE A 177 26.79 18.55 -11.41
CA PHE A 177 26.73 19.80 -10.67
C PHE A 177 26.82 19.50 -9.19
N HIS A 178 27.70 20.21 -8.48
CA HIS A 178 27.93 19.99 -7.07
C HIS A 178 27.34 21.14 -6.26
N PHE A 179 26.65 20.79 -5.18
CA PHE A 179 25.99 21.78 -4.33
C PHE A 179 25.81 21.18 -2.94
N THR A 180 25.51 22.04 -1.98
CA THR A 180 25.35 21.64 -0.60
C THR A 180 23.99 22.11 -0.09
N ALA A 181 23.25 21.20 0.54
CA ALA A 181 21.94 21.52 1.10
C ALA A 181 21.95 21.29 2.60
N SER A 182 20.84 21.67 3.23
CA SER A 182 20.70 21.65 4.67
C SER A 182 19.22 21.58 5.00
N PRO A 183 18.84 21.08 6.18
CA PRO A 183 17.41 21.05 6.55
C PRO A 183 16.75 22.41 6.61
N SER A 184 17.49 23.47 6.92
CA SER A 184 16.95 24.81 6.88
C SER A 184 17.24 25.52 5.56
N GLN A 185 18.08 24.95 4.70
CA GLN A 185 18.46 25.56 3.43
C GLN A 185 18.17 24.59 2.30
N PRO A 186 16.92 24.49 1.86
CA PRO A 186 16.62 23.65 0.70
C PRO A 186 17.08 24.30 -0.59
N GLN A 187 17.38 23.47 -1.58
CA GLN A 187 17.84 23.94 -2.89
C GLN A 187 16.98 23.32 -3.96
N TYR A 188 16.75 24.07 -5.05
CA TYR A 188 16.13 23.48 -6.22
C TYR A 188 16.65 24.18 -7.47
N PHE A 189 16.65 23.43 -8.58
CA PHE A 189 17.20 23.88 -9.85
C PHE A 189 16.22 23.57 -10.96
N LEU A 190 16.51 24.09 -12.15
CA LEU A 190 15.61 24.01 -13.29
C LEU A 190 16.30 23.26 -14.42
N TYR A 191 15.60 22.33 -15.06
CA TYR A 191 16.07 21.68 -16.25
C TYR A 191 15.08 21.91 -17.39
N LYS A 192 15.61 22.20 -18.57
CA LYS A 192 14.80 22.41 -19.76
C LYS A 192 15.01 21.23 -20.71
N PHE A 193 13.92 20.68 -21.21
CA PHE A 193 14.02 19.53 -22.11
C PHE A 193 14.51 19.98 -23.48
N PRO A 194 15.55 19.37 -24.02
CA PRO A 194 15.93 19.63 -25.42
C PRO A 194 14.91 19.04 -26.37
N LYS A 195 14.99 19.48 -27.63
CA LYS A 195 14.00 19.05 -28.62
C LYS A 195 14.16 17.59 -29.00
N ASP A 196 15.40 17.10 -29.12
CA ASP A 196 15.62 15.71 -29.51
C ASP A 196 15.36 14.74 -28.37
N VAL A 197 15.65 15.14 -27.13
CA VAL A 197 15.53 14.25 -25.98
C VAL A 197 14.07 14.11 -25.60
N ASP A 198 13.62 12.87 -25.38
CA ASP A 198 12.25 12.60 -25.01
C ASP A 198 12.09 12.06 -23.60
N SER A 199 13.18 11.61 -22.96
CA SER A 199 13.13 11.10 -21.61
C SER A 199 14.51 11.22 -20.98
N VAL A 200 14.56 11.61 -19.71
CA VAL A 200 15.81 11.81 -19.00
C VAL A 200 15.77 11.03 -17.69
N ILE A 201 16.96 10.79 -17.14
CA ILE A 201 17.14 10.18 -15.83
C ILE A 201 17.93 11.14 -14.97
N ILE A 202 17.42 11.45 -13.78
CA ILE A 202 18.10 12.33 -12.85
C ILE A 202 18.89 11.47 -11.88
N LYS A 203 20.21 11.52 -11.97
CA LYS A 203 21.08 10.70 -11.14
C LYS A 203 21.72 11.57 -10.07
N VAL A 204 21.38 11.29 -8.82
CA VAL A 204 21.92 12.03 -7.67
C VAL A 204 22.76 11.07 -6.85
N VAL A 205 23.99 11.47 -6.54
CA VAL A 205 24.94 10.62 -5.82
C VAL A 205 25.56 11.44 -4.69
N SER A 206 25.61 10.85 -3.50
CA SER A 206 26.26 11.46 -2.35
C SER A 206 27.26 10.48 -1.75
N GLU A 207 28.33 11.02 -1.17
CA GLU A 207 29.39 10.19 -0.62
C GLU A 207 29.14 9.76 0.82
N MET A 208 28.12 10.30 1.48
CA MET A 208 27.82 9.95 2.86
C MET A 208 26.35 9.58 2.97
N ALA A 209 26.06 8.64 3.86
CA ALA A 209 24.69 8.13 3.98
C ALA A 209 23.78 9.15 4.66
N TYR A 210 24.24 9.76 5.73
CA TYR A 210 23.42 10.68 6.49
C TYR A 210 23.89 12.12 6.29
N PRO A 211 22.99 13.11 6.32
CA PRO A 211 21.55 13.10 6.63
C PRO A 211 20.64 12.55 5.54
N CYS A 212 19.46 12.08 5.95
CA CYS A 212 18.49 11.53 5.03
C CYS A 212 17.83 12.64 4.23
N SER A 213 17.77 12.47 2.91
CA SER A 213 17.34 13.52 2.00
C SER A 213 16.11 13.07 1.21
N VAL A 214 15.48 14.03 0.54
CA VAL A 214 14.34 13.78 -0.34
C VAL A 214 14.57 14.54 -1.64
N VAL A 215 14.51 13.82 -2.75
CA VAL A 215 14.59 14.41 -4.08
C VAL A 215 13.21 14.37 -4.70
N SER A 216 12.75 15.51 -5.21
CA SER A 216 11.41 15.61 -5.78
C SER A 216 11.47 16.37 -7.10
N VAL A 217 10.56 16.00 -8.00
CA VAL A 217 10.44 16.65 -9.31
C VAL A 217 9.05 17.26 -9.39
N GLN A 218 8.99 18.56 -9.65
CA GLN A 218 7.74 19.31 -9.59
C GLN A 218 7.57 20.14 -10.85
N ASN A 219 6.41 20.78 -10.96
CA ASN A 219 6.05 21.59 -12.12
C ASN A 219 6.67 22.98 -12.02
N ILE A 220 6.56 23.73 -13.12
CA ILE A 220 7.09 25.08 -13.19
C ILE A 220 6.25 26.05 -12.37
N MET A 221 4.95 25.84 -12.31
CA MET A 221 4.02 26.82 -11.75
C MET A 221 4.22 27.01 -10.25
N CYS A 222 4.34 28.27 -9.85
CA CYS A 222 4.53 28.62 -8.45
C CYS A 222 3.25 28.32 -7.66
N PRO A 223 3.38 27.97 -6.37
CA PRO A 223 4.57 27.87 -5.52
C PRO A 223 5.35 26.58 -5.70
N VAL A 224 6.61 26.58 -5.28
CA VAL A 224 7.45 25.40 -5.29
C VAL A 224 7.54 24.88 -3.87
N TYR A 225 7.08 23.65 -3.67
CA TYR A 225 7.02 23.07 -2.33
C TYR A 225 8.38 22.50 -1.99
N ASP A 226 9.17 23.27 -1.22
CA ASP A 226 10.52 22.87 -0.84
C ASP A 226 10.68 22.72 0.66
N LEU A 227 9.57 22.56 1.39
CA LEU A 227 9.61 22.32 2.82
C LEU A 227 9.28 20.86 3.10
N ASP A 228 9.61 20.42 4.32
CA ASP A 228 9.50 19.01 4.64
C ASP A 228 8.05 18.55 4.77
N HIS A 229 7.11 19.46 4.98
CA HIS A 229 5.72 19.09 5.16
C HIS A 229 4.90 19.18 3.88
N ASN A 230 5.50 19.60 2.76
CA ASN A 230 4.74 19.66 1.52
C ASN A 230 5.50 19.18 0.31
N VAL A 231 6.72 18.65 0.47
CA VAL A 231 7.53 18.23 -0.66
C VAL A 231 6.90 17.02 -1.37
N GLU A 232 6.26 16.14 -0.61
CA GLU A 232 5.62 14.96 -1.19
C GLU A 232 4.15 15.20 -1.50
N PHE A 233 3.71 16.46 -1.60
CA PHE A 233 2.31 16.73 -1.89
C PHE A 233 1.97 16.40 -3.34
N ASN A 234 2.81 16.82 -4.27
CA ASN A 234 2.56 16.54 -5.68
C ASN A 234 3.89 16.36 -6.40
N GLY A 235 3.83 15.70 -7.54
CA GLY A 235 5.00 15.41 -8.32
C GLY A 235 5.70 14.15 -7.86
N VAL A 236 6.62 13.68 -8.69
CA VAL A 236 7.39 12.48 -8.39
C VAL A 236 8.45 12.82 -7.35
N TYR A 237 8.52 12.01 -6.30
CA TYR A 237 9.53 12.22 -5.26
C TYR A 237 10.16 10.89 -4.88
N GLN A 238 11.38 10.98 -4.37
CA GLN A 238 12.15 9.83 -3.93
C GLN A 238 12.89 10.18 -2.65
N SER A 239 13.17 9.16 -1.86
CA SER A 239 13.96 9.32 -0.64
C SER A 239 15.32 8.68 -0.83
N MET A 240 16.37 9.37 -0.41
CA MET A 240 17.72 8.90 -0.68
C MET A 240 18.59 9.07 0.56
N THR A 241 19.63 8.24 0.61
CA THR A 241 20.75 8.39 1.52
C THR A 241 22.07 8.59 0.79
N LYS A 242 22.32 7.79 -0.24
CA LYS A 242 23.52 7.90 -1.05
C LYS A 242 23.23 8.03 -2.53
N LYS A 243 22.19 7.36 -3.04
CA LYS A 243 21.89 7.38 -4.46
C LYS A 243 20.39 7.58 -4.66
N ALA A 244 20.04 8.14 -5.82
CA ALA A 244 18.65 8.31 -6.21
C ALA A 244 18.61 8.36 -7.73
N ALA A 245 17.49 7.93 -8.30
CA ALA A 245 17.33 7.93 -9.75
C ALA A 245 15.86 8.06 -10.08
N ILE A 246 15.49 9.13 -10.77
CA ILE A 246 14.11 9.41 -11.17
C ILE A 246 14.07 9.46 -12.69
N THR A 247 13.18 8.68 -13.28
CA THR A 247 13.02 8.63 -14.73
C THR A 247 11.78 9.43 -15.11
N LEU A 248 11.93 10.37 -16.04
CA LEU A 248 10.86 11.26 -16.44
C LEU A 248 10.64 11.20 -17.94
N GLN A 249 9.41 11.49 -18.34
CA GLN A 249 9.03 11.57 -19.74
C GLN A 249 8.66 12.99 -20.09
N LYS A 250 8.84 13.34 -21.37
CA LYS A 250 8.57 14.72 -21.80
C LYS A 250 7.08 15.01 -21.86
N LYS A 251 6.24 14.00 -22.10
CA LYS A 251 4.81 14.23 -22.27
C LYS A 251 4.11 14.52 -20.95
N ASP A 252 4.73 14.20 -19.82
CA ASP A 252 4.11 14.48 -18.54
C ASP A 252 4.17 15.96 -18.17
N PHE A 253 5.16 16.68 -18.70
CA PHE A 253 5.35 18.09 -18.38
C PHE A 253 4.92 18.94 -19.56
N PRO A 254 3.92 19.81 -19.40
CA PRO A 254 3.43 20.58 -20.55
C PRO A 254 4.39 21.68 -20.98
N GLY A 255 5.16 22.26 -20.08
CA GLY A 255 6.11 23.27 -20.45
C GLY A 255 7.44 22.75 -20.94
N GLU A 256 7.62 21.43 -20.94
CA GLU A 256 8.89 20.75 -21.24
C GLU A 256 10.02 21.23 -20.34
N GLN A 257 9.70 21.48 -19.08
CA GLN A 257 10.69 21.83 -18.06
C GLN A 257 10.13 21.43 -16.70
N PHE A 258 11.04 21.32 -15.72
CA PHE A 258 10.63 20.92 -14.38
C PHE A 258 11.65 21.45 -13.37
N PHE A 259 11.24 21.43 -12.11
CA PHE A 259 12.10 21.79 -10.98
C PHE A 259 12.52 20.54 -10.24
N VAL A 260 13.79 20.48 -9.86
CA VAL A 260 14.33 19.34 -9.10
C VAL A 260 14.58 19.83 -7.69
N VAL A 261 13.68 19.48 -6.77
CA VAL A 261 13.72 20.01 -5.42
C VAL A 261 14.47 19.04 -4.52
N PHE A 262 15.44 19.56 -3.77
CA PHE A 262 16.24 18.79 -2.83
C PHE A 262 15.93 19.26 -1.41
N VAL A 263 15.35 18.38 -0.61
CA VAL A 263 14.94 18.70 0.76
C VAL A 263 15.64 17.72 1.70
N ILE A 264 16.31 18.26 2.72
CA ILE A 264 16.99 17.46 3.72
C ILE A 264 16.08 17.30 4.93
N LYS A 265 15.87 16.07 5.35
CA LYS A 265 15.02 15.81 6.50
C LYS A 265 15.77 16.12 7.80
N PRO A 266 15.05 16.56 8.84
CA PRO A 266 15.73 16.85 10.12
C PRO A 266 16.12 15.60 10.88
N GLU A 267 15.51 14.45 10.61
CA GLU A 267 15.81 13.22 11.31
C GLU A 267 15.93 12.08 10.30
N ASP A 268 16.64 11.03 10.70
CA ASP A 268 16.90 9.89 9.84
C ASP A 268 16.00 8.71 10.14
N TYR A 269 14.85 8.94 10.79
CA TYR A 269 13.95 7.84 11.11
C TYR A 269 13.25 7.30 9.88
N ALA A 270 12.91 8.17 8.92
CA ALA A 270 12.31 7.72 7.67
C ALA A 270 13.31 6.93 6.83
N CYS A 271 14.59 7.28 6.91
CA CYS A 271 15.64 6.50 6.30
C CYS A 271 16.10 5.45 7.31
N GLY A 272 17.22 4.79 7.02
CA GLY A 272 17.65 3.72 7.90
C GLY A 272 18.56 4.14 9.03
N GLY A 273 18.05 4.95 9.96
CA GLY A 273 18.89 5.42 11.04
C GLY A 273 18.11 6.14 12.10
N SER A 274 18.83 6.92 12.90
CA SER A 274 18.23 7.68 13.98
C SER A 274 19.04 8.94 14.23
N PHE A 275 18.38 9.93 14.82
CA PHE A 275 18.95 11.23 15.22
C PHE A 275 19.65 11.98 14.08
N LEU A 287 26.06 21.10 14.58
CA LEU A 287 24.84 21.91 14.68
C LEU A 287 23.95 21.69 13.46
N GLN A 288 24.50 21.94 12.28
CA GLN A 288 23.76 21.82 11.03
C GLN A 288 24.02 20.46 10.39
N ARG A 289 22.99 19.93 9.74
CA ARG A 289 23.09 18.65 9.05
C ARG A 289 23.31 18.87 7.56
N LYS A 290 24.47 19.45 7.25
CA LYS A 290 24.81 19.76 5.87
C LYS A 290 25.09 18.49 5.09
N LYS A 291 24.61 18.46 3.85
CA LYS A 291 24.76 17.30 2.97
C LYS A 291 25.33 17.76 1.64
N ASN A 292 26.40 17.12 1.20
CA ASN A 292 26.99 17.40 -0.11
C ASN A 292 26.40 16.46 -1.13
N LEU A 293 25.84 17.02 -2.20
CA LEU A 293 25.17 16.25 -3.23
C LEU A 293 25.81 16.52 -4.58
N GLU A 294 25.43 15.70 -5.56
CA GLU A 294 25.92 15.84 -6.92
C GLU A 294 24.85 15.31 -7.85
N VAL A 295 24.26 16.19 -8.66
CA VAL A 295 23.16 15.82 -9.54
C VAL A 295 23.66 15.84 -10.99
N THR A 296 23.37 14.77 -11.72
CA THR A 296 23.65 14.67 -13.14
C THR A 296 22.38 14.23 -13.84
N ILE A 297 22.04 14.92 -14.94
CA ILE A 297 20.87 14.59 -15.73
C ILE A 297 21.35 14.01 -17.05
N VAL A 298 20.98 12.77 -17.32
CA VAL A 298 21.43 12.07 -18.52
C VAL A 298 20.21 11.71 -19.36
N PRO A 299 20.33 11.73 -20.69
CA PRO A 299 19.21 11.28 -21.51
C PRO A 299 19.07 9.77 -21.46
N SER A 300 17.84 9.30 -21.64
CA SER A 300 17.57 7.87 -21.61
C SER A 300 17.90 7.26 -22.97
N ILE A 301 17.76 5.94 -23.04
CA ILE A 301 18.06 5.23 -24.28
C ILE A 301 16.92 5.42 -25.28
N LYS A 302 17.26 5.27 -26.55
CA LYS A 302 16.28 5.46 -27.61
C LYS A 302 15.39 4.23 -27.75
N GLU A 303 14.42 4.29 -28.66
CA GLU A 303 13.54 3.17 -28.90
C GLU A 303 14.20 2.04 -29.66
N SER A 304 15.35 2.30 -30.29
CA SER A 304 16.07 1.24 -31.01
C SER A 304 16.71 0.25 -30.04
N VAL A 305 17.11 0.72 -28.85
CA VAL A 305 17.67 -0.19 -27.84
C VAL A 305 16.59 -1.09 -27.28
N TYR A 306 15.33 -0.63 -27.28
CA TYR A 306 14.23 -1.47 -26.82
C TYR A 306 14.00 -2.64 -27.77
N VAL A 307 13.99 -2.39 -29.08
CA VAL A 307 13.72 -3.46 -30.02
C VAL A 307 14.96 -4.32 -30.29
N LYS A 308 16.15 -3.81 -30.00
CA LYS A 308 17.35 -4.63 -30.13
C LYS A 308 17.48 -5.61 -28.97
N SER A 309 17.15 -5.17 -27.76
CA SER A 309 17.24 -6.03 -26.59
C SER A 309 16.08 -7.02 -26.52
N SER A 310 14.93 -6.66 -27.09
CA SER A 310 13.80 -7.59 -27.12
C SER A 310 14.08 -8.75 -28.07
N LEU A 311 14.77 -8.49 -29.17
CA LEU A 311 15.12 -9.56 -30.09
C LEU A 311 16.22 -10.45 -29.53
N PHE A 312 17.10 -9.90 -28.69
CA PHE A 312 18.14 -10.71 -28.06
C PHE A 312 17.55 -11.68 -27.06
N SER A 313 16.50 -11.27 -26.36
CA SER A 313 15.88 -12.13 -25.36
C SER A 313 15.05 -13.25 -25.98
N VAL A 314 14.71 -13.14 -27.26
CA VAL A 314 13.92 -14.17 -27.94
C VAL A 314 14.80 -15.08 -28.77
N PHE A 315 15.69 -14.51 -29.58
CA PHE A 315 16.48 -15.29 -30.52
C PHE A 315 17.55 -16.14 -29.83
N ILE A 316 17.95 -15.79 -28.60
CA ILE A 316 18.87 -16.64 -27.85
C ILE A 316 18.17 -17.92 -27.44
N PHE A 317 16.95 -17.82 -26.90
CA PHE A 317 16.24 -18.99 -26.44
C PHE A 317 15.52 -19.72 -27.56
N LEU A 318 15.27 -19.07 -28.69
CA LEU A 318 14.79 -19.79 -29.86
C LEU A 318 15.89 -20.58 -30.55
N SER A 319 17.15 -20.24 -30.29
CA SER A 319 18.25 -21.09 -30.74
C SER A 319 18.31 -22.40 -29.96
N PHE A 320 17.76 -22.42 -28.75
CA PHE A 320 17.61 -23.67 -28.02
C PHE A 320 16.57 -24.57 -28.67
N TYR A 321 15.53 -23.96 -29.27
CA TYR A 321 14.55 -24.73 -30.02
C TYR A 321 15.17 -25.32 -31.29
N LEU A 322 16.19 -24.66 -31.84
CA LEU A 322 16.90 -25.19 -33.00
C LEU A 322 17.73 -26.41 -32.65
N GLY A 323 18.11 -26.58 -31.38
CA GLY A 323 18.88 -27.75 -31.00
C GLY A 323 18.08 -29.03 -31.06
N CYS A 324 16.81 -28.98 -30.63
CA CYS A 324 15.96 -30.18 -30.68
C CYS A 324 15.62 -30.55 -32.12
N LEU A 325 15.41 -29.56 -32.99
CA LEU A 325 15.17 -29.82 -34.39
C LEU A 325 16.42 -30.20 -35.16
N LEU A 326 17.60 -30.01 -34.57
CA LEU A 326 18.84 -30.46 -35.21
C LEU A 326 19.21 -31.87 -34.78
N VAL A 327 19.07 -32.20 -33.49
CA VAL A 327 19.34 -33.56 -33.06
C VAL A 327 18.19 -34.51 -33.41
N GLY A 328 17.01 -33.98 -33.74
CA GLY A 328 15.96 -34.83 -34.28
C GLY A 328 16.22 -35.19 -35.73
N PHE A 329 16.99 -34.37 -36.43
CA PHE A 329 17.41 -34.69 -37.79
C PHE A 329 18.53 -35.72 -37.83
N VAL A 330 19.26 -35.88 -36.72
CA VAL A 330 20.31 -36.90 -36.64
C VAL A 330 19.69 -38.29 -36.63
N HIS A 331 18.55 -38.44 -35.93
CA HIS A 331 17.85 -39.73 -35.89
C HIS A 331 17.28 -40.11 -37.25
N TYR A 332 16.89 -39.13 -38.07
CA TYR A 332 16.53 -39.42 -39.45
C TYR A 332 17.74 -39.86 -40.26
N LEU A 333 18.90 -39.25 -39.99
CA LEU A 333 20.14 -39.66 -40.63
C LEU A 333 20.78 -40.87 -39.98
N ARG A 334 20.32 -41.27 -38.78
CA ARG A 334 20.84 -42.47 -38.14
C ARG A 334 20.30 -43.73 -38.81
N PHE A 335 19.12 -43.64 -39.44
CA PHE A 335 18.53 -44.76 -40.14
C PHE A 335 19.29 -45.08 -41.42
N LYS A 442 -2.55 -37.84 -15.57
CA LYS A 442 -3.29 -36.89 -16.39
C LYS A 442 -4.24 -36.06 -15.54
N ILE A 443 -5.05 -36.74 -14.72
CA ILE A 443 -5.96 -36.04 -13.82
C ILE A 443 -5.19 -35.37 -12.71
N TYR A 444 -4.19 -36.06 -12.14
CA TYR A 444 -3.33 -35.44 -11.15
C TYR A 444 -2.40 -34.41 -11.78
N PHE A 445 -2.07 -34.60 -13.07
CA PHE A 445 -1.36 -33.56 -13.81
C PHE A 445 -2.21 -32.31 -13.97
N TRP A 446 -3.51 -32.49 -14.24
CA TRP A 446 -4.41 -31.35 -14.41
C TRP A 446 -4.76 -30.70 -13.07
N ASN A 447 -4.57 -31.44 -11.97
CA ASN A 447 -4.86 -30.91 -10.61
C ASN A 447 -3.79 -29.90 -10.20
N ILE A 448 -2.55 -30.09 -10.65
CA ILE A 448 -1.44 -29.23 -10.23
C ILE A 448 -1.39 -27.92 -10.99
N ILE A 449 -2.12 -27.78 -12.09
CA ILE A 449 -2.13 -26.53 -12.83
C ILE A 449 -3.37 -25.69 -12.54
N THR A 450 -4.42 -26.27 -11.96
CA THR A 450 -5.53 -25.46 -11.46
C THR A 450 -5.16 -24.80 -10.13
N ILE A 451 -4.28 -25.44 -9.37
CA ILE A 451 -3.80 -24.82 -8.10
C ILE A 451 -2.87 -23.66 -8.48
N ALA A 452 -2.05 -23.84 -9.52
CA ALA A 452 -1.13 -22.78 -9.94
C ALA A 452 -1.86 -21.61 -10.57
N VAL A 453 -2.94 -21.86 -11.30
CA VAL A 453 -3.74 -20.78 -11.89
C VAL A 453 -4.48 -20.02 -10.80
N PHE A 454 -5.01 -20.74 -9.81
CA PHE A 454 -5.80 -20.01 -8.79
C PHE A 454 -4.84 -19.34 -7.79
N TYR A 455 -3.60 -19.84 -7.67
CA TYR A 455 -2.65 -19.13 -6.83
C TYR A 455 -2.14 -17.87 -7.51
N ALA A 456 -1.93 -17.93 -8.82
CA ALA A 456 -1.37 -16.79 -9.54
C ALA A 456 -2.39 -15.71 -9.82
N LEU A 457 -3.69 -15.99 -9.70
CA LEU A 457 -4.71 -14.98 -9.98
C LEU A 457 -4.69 -13.79 -9.03
N PRO A 458 -4.64 -13.93 -7.69
CA PRO A 458 -4.62 -12.71 -6.86
C PRO A 458 -3.29 -11.98 -6.85
N VAL A 459 -2.17 -12.64 -7.14
CA VAL A 459 -0.89 -11.95 -7.03
C VAL A 459 -0.63 -11.07 -8.26
N ILE A 460 -1.27 -11.36 -9.39
CA ILE A 460 -1.25 -10.39 -10.49
C ILE A 460 -2.08 -9.17 -10.14
N GLN A 461 -3.25 -9.39 -9.54
CA GLN A 461 -4.10 -8.29 -9.12
C GLN A 461 -3.52 -7.53 -7.94
N LEU A 462 -2.65 -8.17 -7.15
CA LEU A 462 -2.00 -7.47 -6.05
C LEU A 462 -0.95 -6.48 -6.54
N VAL A 463 -0.13 -6.91 -7.50
CA VAL A 463 0.97 -6.04 -7.95
C VAL A 463 0.54 -5.05 -9.02
N ILE A 464 -0.60 -5.26 -9.67
CA ILE A 464 -1.11 -4.26 -10.61
C ILE A 464 -1.61 -3.04 -9.86
N THR A 465 -2.29 -3.25 -8.74
CA THR A 465 -2.70 -2.13 -7.89
C THR A 465 -1.50 -1.46 -7.22
N TYR A 466 -0.43 -2.22 -6.98
CA TYR A 466 0.80 -1.62 -6.48
C TYR A 466 1.44 -0.70 -7.52
N GLN A 467 1.37 -1.09 -8.79
CA GLN A 467 1.94 -0.26 -9.85
C GLN A 467 1.10 0.99 -10.09
N THR A 468 -0.23 0.86 -10.05
CA THR A 468 -1.09 2.02 -10.31
C THR A 468 -1.09 3.00 -9.15
N VAL A 469 -0.80 2.53 -7.93
CA VAL A 469 -0.64 3.44 -6.80
C VAL A 469 0.61 4.28 -7.00
N VAL A 470 1.69 3.67 -7.50
CA VAL A 470 2.94 4.39 -7.76
C VAL A 470 2.76 5.39 -8.89
N ASN A 471 2.00 5.02 -9.92
CA ASN A 471 1.89 5.87 -11.12
C ASN A 471 1.06 7.13 -10.86
N VAL A 472 -0.09 6.98 -10.20
CA VAL A 472 -0.93 8.16 -9.98
C VAL A 472 -0.48 9.01 -8.80
N THR A 473 0.38 8.48 -7.93
CA THR A 473 1.02 9.28 -6.90
C THR A 473 2.46 9.57 -7.31
N GLY A 474 3.23 10.14 -6.41
CA GLY A 474 4.64 10.36 -6.68
C GLY A 474 5.50 9.47 -5.84
N ASN A 475 4.88 8.59 -5.06
CA ASN A 475 5.59 7.76 -4.10
C ASN A 475 6.33 6.65 -4.84
N GLN A 476 7.63 6.86 -5.06
CA GLN A 476 8.49 5.85 -5.65
C GLN A 476 9.23 5.05 -4.59
N ASP A 477 8.81 5.15 -3.33
CA ASP A 477 9.38 4.37 -2.25
C ASP A 477 8.65 3.06 -1.99
N ILE A 478 7.63 2.75 -2.77
CA ILE A 478 6.86 1.53 -2.58
C ILE A 478 7.52 0.34 -3.25
N CYS A 479 7.86 0.48 -4.54
CA CYS A 479 8.49 -0.60 -5.28
C CYS A 479 10.00 -0.50 -5.15
N TYR A 480 10.63 -1.64 -4.95
CA TYR A 480 12.08 -1.71 -4.72
C TYR A 480 12.82 -2.06 -6.01
N TYR A 481 12.74 -1.16 -6.98
CA TYR A 481 13.35 -1.39 -8.28
C TYR A 481 14.87 -1.21 -8.19
N ASN A 482 15.54 -1.60 -9.27
CA ASN A 482 16.90 -1.17 -9.54
C ASN A 482 16.75 0.06 -10.44
N PHE A 483 16.73 1.24 -9.82
CA PHE A 483 16.32 2.45 -10.51
C PHE A 483 17.34 2.94 -11.52
N LEU A 484 18.59 2.52 -11.42
CA LEU A 484 19.58 2.88 -12.42
C LEU A 484 19.42 2.09 -13.70
N CYS A 485 18.73 0.95 -13.65
CA CYS A 485 18.48 0.11 -14.83
C CYS A 485 17.02 -0.31 -14.87
N ALA A 486 16.12 0.64 -14.63
CA ALA A 486 14.69 0.42 -14.73
C ALA A 486 14.20 1.17 -15.97
N HIS A 487 13.86 0.44 -17.02
CA HIS A 487 13.43 1.03 -18.27
C HIS A 487 11.93 0.84 -18.43
N PRO A 488 11.14 1.91 -18.44
CA PRO A 488 9.68 1.76 -18.49
C PRO A 488 9.18 1.42 -19.88
N LEU A 489 7.98 0.85 -19.90
CA LEU A 489 7.25 0.61 -21.16
C LEU A 489 5.76 0.68 -20.83
N GLY A 490 5.16 1.83 -21.08
CA GLY A 490 3.76 2.04 -20.77
C GLY A 490 3.48 2.05 -19.28
N VAL A 491 2.61 1.14 -18.83
CA VAL A 491 2.27 1.09 -17.41
C VAL A 491 3.44 0.55 -16.59
N LEU A 492 4.18 -0.41 -17.13
CA LEU A 492 5.28 -1.03 -16.40
C LEU A 492 6.43 -0.05 -16.25
N SER A 493 6.98 0.02 -15.03
CA SER A 493 8.10 0.91 -14.77
C SER A 493 9.45 0.26 -15.01
N ALA A 494 9.53 -1.07 -14.92
CA ALA A 494 10.77 -1.82 -15.16
C ALA A 494 10.44 -2.93 -16.14
N PHE A 495 10.50 -2.62 -17.43
CA PHE A 495 10.16 -3.60 -18.45
C PHE A 495 11.24 -4.65 -18.62
N ASN A 496 12.50 -4.30 -18.35
CA ASN A 496 13.59 -5.25 -18.52
C ASN A 496 13.54 -6.37 -17.49
N ASN A 497 12.96 -6.10 -16.32
CA ASN A 497 12.81 -7.17 -15.33
C ASN A 497 11.68 -8.13 -15.69
N ILE A 498 10.76 -7.69 -16.55
CA ILE A 498 9.71 -8.59 -17.02
C ILE A 498 10.17 -9.35 -18.25
N LEU A 499 11.01 -8.72 -19.08
CA LEU A 499 11.39 -9.31 -20.35
C LEU A 499 12.35 -10.48 -20.15
N SER A 500 13.21 -10.41 -19.13
CA SER A 500 14.17 -11.48 -18.91
C SER A 500 13.53 -12.76 -18.38
N ASN A 501 12.31 -12.67 -17.84
CA ASN A 501 11.59 -13.86 -17.43
C ASN A 501 10.86 -14.53 -18.58
N LEU A 502 10.78 -13.89 -19.75
CA LEU A 502 10.13 -14.49 -20.91
C LEU A 502 10.90 -15.72 -21.39
N GLY A 503 12.22 -15.64 -21.41
CA GLY A 503 13.01 -16.81 -21.75
C GLY A 503 12.97 -17.89 -20.70
N HIS A 504 12.67 -17.53 -19.45
CA HIS A 504 12.52 -18.52 -18.40
C HIS A 504 11.24 -19.32 -18.57
N VAL A 505 10.18 -18.66 -19.04
CA VAL A 505 8.93 -19.34 -19.32
C VAL A 505 9.05 -20.18 -20.59
N LEU A 506 9.56 -19.56 -21.65
CA LEU A 506 9.64 -20.25 -22.97
C LEU A 506 10.50 -21.52 -22.87
N LEU A 507 11.63 -21.43 -22.18
CA LEU A 507 12.53 -22.59 -22.17
C LEU A 507 11.90 -23.79 -21.50
N GLY A 508 10.92 -23.56 -20.62
CA GLY A 508 10.20 -24.67 -20.03
C GLY A 508 9.27 -25.37 -20.99
N PHE A 509 8.82 -24.65 -22.03
CA PHE A 509 8.00 -25.26 -23.07
C PHE A 509 8.83 -26.20 -23.93
N LEU A 510 10.12 -25.92 -24.10
CA LEU A 510 11.01 -26.84 -24.80
C LEU A 510 11.21 -28.12 -23.98
N PHE A 511 11.38 -27.98 -22.67
CA PHE A 511 11.55 -29.16 -21.82
C PHE A 511 10.27 -29.98 -21.73
N LEU A 512 9.11 -29.33 -21.76
CA LEU A 512 7.86 -30.07 -21.82
C LEU A 512 7.66 -30.75 -23.17
N LEU A 513 8.21 -30.14 -24.22
CA LEU A 513 8.14 -30.76 -25.57
C LEU A 513 9.08 -31.96 -25.61
N ILE A 514 10.24 -31.85 -24.96
CA ILE A 514 11.22 -32.94 -24.99
C ILE A 514 10.69 -34.17 -24.29
N VAL A 515 10.08 -33.99 -23.12
CA VAL A 515 9.55 -35.13 -22.37
C VAL A 515 8.28 -35.67 -23.03
N LEU A 516 7.60 -34.84 -23.81
CA LEU A 516 6.42 -35.34 -24.57
C LEU A 516 6.95 -36.29 -25.65
N ARG A 517 8.02 -35.89 -26.34
CA ARG A 517 8.58 -36.73 -27.40
C ARG A 517 9.10 -38.05 -26.84
N ARG A 518 9.67 -38.02 -25.63
CA ARG A 518 10.14 -39.24 -25.00
C ARG A 518 8.98 -40.13 -24.55
N ASP A 519 7.88 -39.53 -24.09
CA ASP A 519 6.75 -40.32 -23.62
C ASP A 519 6.00 -40.98 -24.78
N ILE A 520 5.87 -40.26 -25.90
CA ILE A 520 5.16 -40.82 -27.05
C ILE A 520 5.97 -41.95 -27.69
N LEU A 521 7.29 -41.75 -27.82
CA LEU A 521 8.15 -42.76 -28.42
C LEU A 521 8.26 -43.99 -27.53
N HIS A 522 8.21 -43.82 -26.21
CA HIS A 522 8.16 -44.96 -25.31
C HIS A 522 6.82 -45.67 -25.40
N ARG A 523 5.73 -44.91 -25.53
CA ARG A 523 4.41 -45.52 -25.69
C ARG A 523 4.25 -46.17 -27.05
N ARG A 524 4.88 -45.61 -28.09
CA ARG A 524 4.86 -46.24 -29.40
C ARG A 524 5.66 -47.53 -29.41
N ALA A 525 6.80 -47.56 -28.72
CA ALA A 525 7.58 -48.78 -28.61
C ALA A 525 6.92 -49.79 -27.68
N LEU A 526 6.07 -49.33 -26.76
CA LEU A 526 5.33 -50.26 -25.91
C LEU A 526 4.25 -50.99 -26.70
N GLU A 527 3.70 -50.35 -27.73
CA GLU A 527 2.72 -51.01 -28.58
C GLU A 527 3.39 -52.08 -29.46
N ALA A 528 4.60 -51.81 -29.93
CA ALA A 528 5.31 -52.75 -30.77
C ALA A 528 6.23 -53.65 -29.94
N HIS A 541 7.76 -41.75 -13.39
CA HIS A 541 9.05 -41.46 -14.00
C HIS A 541 8.91 -40.37 -15.06
N PHE A 542 7.92 -40.51 -15.93
CA PHE A 542 7.58 -39.46 -16.87
C PHE A 542 6.48 -38.56 -16.33
N GLY A 543 6.00 -38.80 -15.12
CA GLY A 543 4.94 -38.00 -14.53
C GLY A 543 5.48 -36.80 -13.78
N LEU A 544 6.50 -37.01 -12.95
CA LEU A 544 7.10 -35.89 -12.23
C LEU A 544 7.95 -35.01 -13.15
N PHE A 545 8.37 -35.54 -14.30
CA PHE A 545 9.09 -34.72 -15.27
C PHE A 545 8.18 -33.69 -15.91
N TYR A 546 6.89 -34.01 -16.07
CA TYR A 546 5.92 -33.01 -16.50
C TYR A 546 5.75 -31.94 -15.43
N ALA A 547 5.70 -32.34 -14.16
CA ALA A 547 5.57 -31.37 -13.08
C ALA A 547 6.85 -30.59 -12.86
N MET A 548 8.00 -31.16 -13.24
CA MET A 548 9.25 -30.43 -13.16
C MET A 548 9.34 -29.34 -14.21
N GLY A 549 8.79 -29.60 -15.40
CA GLY A 549 8.74 -28.57 -16.42
C GLY A 549 7.62 -27.57 -16.21
N ILE A 550 6.57 -27.97 -15.49
CA ILE A 550 5.48 -27.04 -15.17
C ILE A 550 5.96 -25.99 -14.17
N ALA A 551 6.74 -26.41 -13.17
CA ALA A 551 7.30 -25.49 -12.19
C ALA A 551 8.33 -24.55 -12.81
N LEU A 552 8.92 -24.94 -13.95
CA LEU A 552 9.78 -24.01 -14.69
C LEU A 552 8.97 -22.88 -15.30
N MET A 553 7.76 -23.18 -15.79
CA MET A 553 6.90 -22.14 -16.32
C MET A 553 6.41 -21.19 -15.23
N MET A 554 5.89 -21.76 -14.13
CA MET A 554 5.14 -20.95 -13.17
C MET A 554 6.05 -20.08 -12.33
N GLU A 555 7.30 -20.51 -12.11
CA GLU A 555 8.21 -19.68 -11.35
C GLU A 555 8.71 -18.52 -12.20
N GLY A 556 8.89 -18.76 -13.49
CA GLY A 556 9.15 -17.67 -14.42
C GLY A 556 7.97 -16.72 -14.55
N VAL A 557 6.76 -17.25 -14.44
CA VAL A 557 5.58 -16.39 -14.40
C VAL A 557 5.54 -15.61 -13.09
N LEU A 558 5.80 -16.28 -11.97
CA LEU A 558 5.70 -15.63 -10.67
C LEU A 558 6.84 -14.65 -10.43
N SER A 559 7.99 -14.87 -11.06
CA SER A 559 9.05 -13.86 -10.99
C SER A 559 8.69 -12.64 -11.80
N ALA A 560 7.89 -12.79 -12.85
CA ALA A 560 7.48 -11.64 -13.65
C ALA A 560 6.51 -10.75 -12.90
N CYS A 561 5.52 -11.35 -12.22
CA CYS A 561 4.60 -10.53 -11.42
C CYS A 561 5.26 -9.99 -10.16
N TYR A 562 6.31 -10.67 -9.67
CA TYR A 562 7.08 -10.11 -8.57
C TYR A 562 7.83 -8.86 -9.00
N HIS A 563 8.32 -8.85 -10.23
CA HIS A 563 9.15 -7.75 -10.72
C HIS A 563 8.34 -6.62 -11.33
N VAL A 564 7.01 -6.71 -11.32
CA VAL A 564 6.19 -5.53 -11.62
C VAL A 564 6.37 -4.49 -10.52
N CYS A 565 6.31 -4.92 -9.27
CA CYS A 565 6.59 -4.04 -8.13
C CYS A 565 7.15 -4.90 -7.00
N PRO A 566 8.47 -5.05 -6.94
CA PRO A 566 9.06 -5.84 -5.85
C PRO A 566 8.89 -5.15 -4.51
N ASN A 567 8.57 -5.95 -3.50
CA ASN A 567 8.25 -5.42 -2.19
C ASN A 567 8.48 -6.54 -1.19
N TYR A 568 8.38 -6.21 0.10
CA TYR A 568 8.46 -7.22 1.14
C TYR A 568 7.26 -8.15 1.09
N SER A 569 6.08 -7.61 0.79
CA SER A 569 4.87 -8.42 0.79
C SER A 569 4.80 -9.36 -0.40
N ASN A 570 5.31 -8.95 -1.56
CA ASN A 570 5.22 -9.78 -2.75
C ASN A 570 6.20 -10.95 -2.74
N PHE A 571 7.26 -10.87 -1.93
CA PHE A 571 8.21 -11.98 -1.86
C PHE A 571 7.65 -13.16 -1.08
N GLN A 572 6.69 -12.93 -0.18
CA GLN A 572 6.09 -14.01 0.58
C GLN A 572 5.03 -14.79 -0.20
N PHE A 573 4.90 -14.50 -1.49
CA PHE A 573 3.89 -15.20 -2.33
C PHE A 573 4.58 -16.07 -3.38
N ASP A 574 5.62 -15.54 -4.04
CA ASP A 574 6.25 -16.29 -5.12
C ASP A 574 7.16 -17.40 -4.61
N THR A 575 7.48 -17.36 -3.31
CA THR A 575 8.34 -18.42 -2.70
C THR A 575 7.45 -19.40 -1.95
N SER A 576 6.38 -18.91 -1.31
CA SER A 576 5.46 -19.80 -0.56
C SER A 576 4.82 -20.82 -1.51
N PHE A 577 4.49 -20.40 -2.74
CA PHE A 577 3.90 -21.32 -3.74
C PHE A 577 4.88 -22.47 -4.02
N MET A 578 6.15 -22.13 -4.24
CA MET A 578 7.17 -23.17 -4.53
C MET A 578 7.31 -24.09 -3.32
N TYR A 579 7.25 -23.52 -2.11
CA TYR A 579 7.33 -24.34 -0.87
C TYR A 579 6.16 -25.31 -0.85
N MET A 580 4.96 -24.82 -1.24
CA MET A 580 3.75 -25.68 -1.27
C MET A 580 3.98 -26.83 -2.26
N ILE A 581 4.56 -26.53 -3.42
CA ILE A 581 4.83 -27.57 -4.44
C ILE A 581 5.74 -28.64 -3.82
N ALA A 582 6.80 -28.21 -3.12
CA ALA A 582 7.72 -29.17 -2.47
C ALA A 582 6.94 -30.03 -1.47
N GLY A 583 6.06 -29.41 -0.69
CA GLY A 583 5.24 -30.16 0.28
C GLY A 583 4.43 -31.25 -0.40
N LEU A 584 3.72 -30.90 -1.48
CA LEU A 584 2.86 -31.88 -2.18
C LEU A 584 3.74 -32.98 -2.79
N CYS A 585 4.95 -32.61 -3.23
CA CYS A 585 5.87 -33.61 -3.83
C CYS A 585 6.24 -34.63 -2.75
N MET A 586 6.44 -34.18 -1.52
CA MET A 586 6.79 -35.10 -0.40
C MET A 586 5.63 -36.07 -0.17
N LEU A 587 4.39 -35.59 -0.30
CA LEU A 587 3.21 -36.47 -0.14
C LEU A 587 3.30 -37.62 -1.14
N LYS A 588 3.63 -37.32 -2.39
CA LYS A 588 3.80 -38.37 -3.43
C LYS A 588 4.93 -39.31 -3.02
N LEU A 589 6.02 -38.75 -2.50
CA LEU A 589 7.15 -39.59 -2.01
C LEU A 589 6.65 -40.50 -0.89
N TYR A 590 6.03 -39.92 0.14
CA TYR A 590 5.49 -40.71 1.25
C TYR A 590 4.59 -41.82 0.74
N GLN A 591 3.90 -41.59 -0.38
CA GLN A 591 3.02 -42.60 -0.95
C GLN A 591 3.80 -43.76 -1.55
N THR A 592 5.01 -43.48 -2.07
CA THR A 592 5.89 -44.43 -2.76
C THR A 592 5.21 -45.16 -3.91
N TYR A 605 10.40 -37.26 9.14
CA TYR A 605 9.74 -36.20 8.38
C TYR A 605 9.69 -34.91 9.18
N ALA A 606 9.93 -35.02 10.49
CA ALA A 606 9.73 -33.88 11.38
C ALA A 606 10.85 -32.85 11.27
N SER A 607 12.06 -33.25 10.90
CA SER A 607 13.20 -32.33 10.90
C SER A 607 13.07 -31.28 9.81
N PHE A 608 12.37 -31.65 8.73
CA PHE A 608 12.12 -30.67 7.64
C PHE A 608 10.99 -29.74 8.08
N ALA A 609 10.11 -30.21 8.98
CA ALA A 609 8.96 -29.41 9.40
C ALA A 609 9.36 -28.32 10.38
N VAL A 610 10.34 -28.57 11.25
CA VAL A 610 10.82 -27.51 12.15
C VAL A 610 11.55 -26.43 11.36
N VAL A 611 12.21 -26.82 10.26
CA VAL A 611 12.96 -25.88 9.42
C VAL A 611 12.03 -24.82 8.83
N ILE A 612 10.85 -25.26 8.38
CA ILE A 612 9.84 -24.31 7.82
C ILE A 612 9.30 -23.43 8.97
N MET A 613 9.25 -23.96 10.19
CA MET A 613 8.69 -23.20 11.30
C MET A 613 9.72 -22.38 12.06
N VAL A 614 11.01 -22.72 12.00
CA VAL A 614 12.03 -21.90 12.64
C VAL A 614 12.19 -20.59 11.87
N THR A 615 12.15 -20.64 10.54
CA THR A 615 12.44 -19.46 9.73
C THR A 615 11.36 -18.39 9.80
N VAL A 616 10.13 -18.75 10.20
CA VAL A 616 9.11 -17.73 10.40
C VAL A 616 9.22 -17.10 11.78
N LEU A 617 9.96 -17.73 12.71
CA LEU A 617 10.25 -17.09 13.99
C LEU A 617 11.32 -16.02 13.85
N GLY A 618 12.19 -16.14 12.85
CA GLY A 618 13.17 -15.09 12.57
C GLY A 618 12.56 -13.84 11.99
N VAL A 619 11.37 -13.94 11.41
CA VAL A 619 10.61 -12.75 11.04
C VAL A 619 10.22 -11.96 12.28
N VAL A 620 9.79 -12.66 13.33
CA VAL A 620 9.51 -12.01 14.61
C VAL A 620 10.80 -11.52 15.25
N PHE A 621 11.83 -12.37 15.28
CA PHE A 621 13.11 -11.99 15.85
C PHE A 621 14.25 -12.66 15.10
N VAL A 626 20.46 -14.68 20.66
CA VAL A 626 21.70 -15.44 20.51
C VAL A 626 21.39 -16.93 20.53
N TRP A 627 20.42 -17.31 21.37
CA TRP A 627 20.03 -18.72 21.47
C TRP A 627 19.24 -19.17 20.24
N PHE A 628 18.53 -18.24 19.60
CA PHE A 628 17.75 -18.61 18.41
C PHE A 628 18.62 -18.82 17.19
N TRP A 629 19.63 -17.98 17.00
CA TRP A 629 20.40 -18.00 15.76
C TRP A 629 21.44 -19.12 15.73
N VAL A 630 21.82 -19.67 16.88
CA VAL A 630 22.77 -20.79 16.87
C VAL A 630 22.09 -22.09 16.48
N ILE A 631 20.76 -22.18 16.62
CA ILE A 631 20.03 -23.36 16.14
C ILE A 631 19.29 -23.07 14.83
N PHE A 632 19.25 -21.82 14.38
CA PHE A 632 18.67 -21.49 13.08
C PHE A 632 19.50 -22.07 11.96
N SER A 633 20.82 -21.95 12.05
CA SER A 633 21.71 -22.55 11.05
C SER A 633 22.07 -23.99 11.36
N ALA A 634 21.86 -24.44 12.61
CA ALA A 634 22.21 -25.81 12.96
C ALA A 634 21.20 -26.80 12.40
N ILE A 635 19.91 -26.44 12.41
CA ILE A 635 18.90 -27.33 11.85
C ILE A 635 18.89 -27.28 10.33
N HIS A 636 19.45 -26.22 9.72
CA HIS A 636 19.49 -26.14 8.27
C HIS A 636 20.56 -27.04 7.67
N VAL A 637 21.72 -27.14 8.34
CA VAL A 637 22.76 -28.06 7.89
C VAL A 637 22.34 -29.51 8.11
N LEU A 638 21.66 -29.77 9.23
CA LEU A 638 21.17 -31.12 9.50
C LEU A 638 20.09 -31.55 8.51
N ALA A 639 19.20 -30.63 8.14
CA ALA A 639 18.18 -30.94 7.14
C ALA A 639 18.78 -31.09 5.76
N SER A 640 19.86 -30.36 5.47
CA SER A 640 20.57 -30.56 4.20
C SER A 640 21.23 -31.93 4.16
N LEU A 641 21.71 -32.41 5.31
CA LEU A 641 22.20 -33.78 5.40
C LEU A 641 21.04 -34.77 5.40
N ALA A 642 19.86 -34.34 5.84
CA ALA A 642 18.71 -35.23 5.88
C ALA A 642 17.93 -35.25 4.57
N LEU A 643 18.37 -34.46 3.59
CA LEU A 643 17.83 -34.61 2.24
C LEU A 643 18.69 -35.55 1.40
N SER A 644 20.00 -35.51 1.59
CA SER A 644 20.91 -36.26 0.73
C SER A 644 20.88 -37.76 1.03
N THR A 645 20.64 -38.14 2.29
CA THR A 645 20.71 -39.55 2.65
C THR A 645 19.50 -40.34 2.15
N GLN A 646 18.32 -39.71 2.14
CA GLN A 646 17.12 -40.39 1.66
C GLN A 646 17.13 -40.58 0.16
N ILE A 647 17.70 -39.63 -0.60
CA ILE A 647 17.87 -39.82 -2.03
C ILE A 647 18.91 -40.91 -2.29
N TYR A 648 19.92 -41.02 -1.42
CA TYR A 648 20.93 -42.07 -1.53
C TYR A 648 20.32 -43.46 -1.32
N TYR A 649 19.29 -43.55 -0.49
CA TYR A 649 18.63 -44.82 -0.25
C TYR A 649 17.60 -45.19 -1.32
N MET A 650 17.31 -44.28 -2.25
CA MET A 650 16.40 -44.58 -3.35
C MET A 650 17.12 -45.06 -4.60
N GLY A 651 18.44 -45.22 -4.55
CA GLY A 651 19.20 -45.67 -5.70
C GLY A 651 19.39 -47.17 -5.76
N ASP A 708 17.96 -14.81 2.70
CA ASP A 708 16.56 -15.16 2.95
C ASP A 708 16.36 -16.66 2.95
N PHE A 709 15.16 -17.10 3.35
CA PHE A 709 14.86 -18.52 3.44
C PHE A 709 14.69 -19.18 2.08
N ALA A 710 14.37 -18.41 1.04
CA ALA A 710 14.35 -18.98 -0.30
C ALA A 710 15.76 -19.23 -0.82
N SER A 711 16.72 -18.40 -0.40
CA SER A 711 18.11 -18.64 -0.76
C SER A 711 18.69 -19.82 -0.01
N TYR A 712 18.18 -20.12 1.18
CA TYR A 712 18.60 -21.31 1.90
C TYR A 712 18.09 -22.57 1.24
N MET A 713 16.90 -22.52 0.64
CA MET A 713 16.45 -23.60 -0.23
C MET A 713 17.33 -23.68 -1.47
N LEU A 714 17.68 -22.53 -2.05
CA LEU A 714 18.62 -22.49 -3.16
C LEU A 714 20.03 -22.85 -2.72
N GLY A 715 20.36 -22.69 -1.44
CA GLY A 715 21.65 -23.15 -0.94
C GLY A 715 21.77 -24.66 -1.00
N ILE A 716 20.71 -25.38 -0.64
CA ILE A 716 20.75 -26.84 -0.76
C ILE A 716 20.40 -27.32 -2.16
N PHE A 717 19.82 -26.46 -3.00
CA PHE A 717 19.53 -26.84 -4.39
C PHE A 717 20.82 -27.03 -5.18
N ILE A 718 21.86 -26.27 -4.84
CA ILE A 718 23.16 -26.44 -5.49
C ILE A 718 23.97 -27.51 -4.78
N CYS A 719 23.97 -27.52 -3.45
CA CYS A 719 24.90 -28.35 -2.70
C CYS A 719 24.51 -29.82 -2.73
N ASN A 720 23.23 -30.14 -2.55
CA ASN A 720 22.88 -31.56 -2.47
C ASN A 720 22.86 -32.21 -3.85
N LEU A 721 22.45 -31.46 -4.87
CA LEU A 721 22.36 -32.01 -6.22
C LEU A 721 23.72 -32.16 -6.88
N LEU A 722 24.72 -31.42 -6.40
CA LEU A 722 26.09 -31.61 -6.88
C LEU A 722 26.62 -32.98 -6.51
N LEU A 723 26.36 -33.43 -5.28
CA LEU A 723 26.74 -34.78 -4.88
C LEU A 723 25.77 -35.82 -5.44
N TYR A 724 24.49 -35.45 -5.57
CA TYR A 724 23.47 -36.39 -6.04
C TYR A 724 23.66 -36.72 -7.51
N LEU A 725 24.13 -35.74 -8.31
CA LEU A 725 24.52 -36.06 -9.67
C LEU A 725 25.83 -36.84 -9.69
N ALA A 726 26.75 -36.51 -8.78
CA ALA A 726 28.03 -37.18 -8.72
C ALA A 726 27.96 -38.58 -8.14
N PHE A 727 26.82 -38.98 -7.59
CA PHE A 727 26.72 -40.32 -7.00
C PHE A 727 26.66 -41.40 -8.07
N TYR A 728 25.94 -41.15 -9.18
CA TYR A 728 25.89 -42.13 -10.26
C TYR A 728 26.98 -41.96 -11.31
N ILE A 729 27.78 -40.90 -11.26
CA ILE A 729 28.95 -40.86 -12.14
C ILE A 729 30.00 -41.85 -11.65
N ILE A 730 30.23 -41.91 -10.33
CA ILE A 730 31.18 -42.87 -9.80
C ILE A 730 30.57 -44.27 -9.70
N MET A 731 29.25 -44.39 -9.60
CA MET A 731 28.63 -45.71 -9.55
C MET A 731 28.65 -46.38 -10.93
N LYS A 732 28.38 -45.62 -11.99
CA LYS A 732 28.41 -46.18 -13.33
C LYS A 732 29.83 -46.44 -13.80
N LEU A 733 30.80 -45.66 -13.31
CA LEU A 733 32.19 -45.90 -13.67
C LEU A 733 32.73 -47.17 -12.99
N ARG A 734 32.32 -47.40 -11.75
CA ARG A 734 32.76 -48.60 -11.04
C ARG A 734 32.06 -49.85 -11.58
N SER A 735 30.78 -49.72 -11.95
CA SER A 735 30.04 -50.83 -12.52
C SER A 735 30.26 -50.87 -14.03
N SER A 736 29.54 -51.77 -14.70
CA SER A 736 29.68 -51.94 -16.15
C SER A 736 28.66 -51.03 -16.84
N GLU A 737 29.02 -49.75 -16.91
CA GLU A 737 28.19 -48.76 -17.58
C GLU A 737 29.09 -47.65 -18.12
N LYS A 738 28.68 -47.06 -19.24
CA LYS A 738 29.44 -46.00 -19.89
C LYS A 738 28.56 -44.79 -20.10
N VAL A 739 29.15 -43.61 -19.99
CA VAL A 739 28.41 -42.36 -20.16
C VAL A 739 28.41 -41.97 -21.62
N LEU A 740 27.22 -41.83 -22.19
CA LEU A 740 27.03 -41.42 -23.57
C LEU A 740 27.41 -39.95 -23.74
N PRO A 741 27.82 -39.54 -24.94
CA PRO A 741 28.24 -38.13 -25.12
C PRO A 741 27.12 -37.11 -24.97
N VAL A 742 25.87 -37.49 -25.26
CA VAL A 742 24.75 -36.56 -25.12
C VAL A 742 24.49 -36.18 -23.66
N PRO A 743 24.48 -37.10 -22.68
CA PRO A 743 24.51 -36.63 -21.28
C PRO A 743 25.78 -35.90 -20.91
N LEU A 744 26.93 -36.31 -21.47
CA LEU A 744 28.25 -35.79 -21.10
C LEU A 744 28.38 -34.29 -21.39
N PHE A 745 27.84 -33.86 -22.53
CA PHE A 745 27.79 -32.43 -22.81
C PHE A 745 26.83 -31.71 -21.86
N CYS A 746 25.75 -32.37 -21.47
CA CYS A 746 24.79 -31.73 -20.56
C CYS A 746 25.30 -31.66 -19.13
N ILE A 747 26.14 -32.60 -18.71
CA ILE A 747 26.72 -32.54 -17.37
C ILE A 747 27.71 -31.39 -17.27
N VAL A 748 28.59 -31.25 -18.26
CA VAL A 748 29.60 -30.20 -18.19
C VAL A 748 28.99 -28.83 -18.43
N ALA A 749 27.85 -28.77 -19.14
CA ALA A 749 27.18 -27.49 -19.32
C ALA A 749 26.43 -27.06 -18.05
N THR A 750 25.93 -28.03 -17.28
CA THR A 750 25.25 -27.71 -16.04
C THR A 750 26.21 -27.16 -15.00
N ALA A 751 27.43 -27.68 -14.96
CA ALA A 751 28.42 -27.23 -13.98
C ALA A 751 28.92 -25.83 -14.29
N VAL A 752 29.11 -25.50 -15.57
CA VAL A 752 29.65 -24.19 -15.91
C VAL A 752 28.55 -23.13 -15.84
N MET A 753 27.29 -23.53 -16.08
CA MET A 753 26.20 -22.56 -16.02
C MET A 753 25.84 -22.22 -14.58
N TRP A 754 25.89 -23.20 -13.69
CA TRP A 754 25.61 -22.90 -12.29
C TRP A 754 26.75 -22.14 -11.63
N ALA A 755 27.97 -22.31 -12.14
CA ALA A 755 29.07 -21.48 -11.64
C ALA A 755 28.90 -20.03 -12.08
N ALA A 756 28.43 -19.82 -13.30
CA ALA A 756 28.23 -18.45 -13.79
C ALA A 756 26.98 -17.81 -13.18
N ALA A 757 25.91 -18.60 -13.01
CA ALA A 757 24.66 -18.02 -12.51
C ALA A 757 24.75 -17.66 -11.03
N LEU A 758 25.47 -18.45 -10.23
CA LEU A 758 25.60 -18.14 -8.81
C LEU A 758 26.44 -16.91 -8.55
N TYR A 759 27.32 -16.54 -9.48
CA TYR A 759 28.05 -15.29 -9.34
C TYR A 759 27.11 -14.09 -9.47
N PHE A 760 26.21 -14.15 -10.45
CA PHE A 760 25.26 -13.05 -10.65
C PHE A 760 24.14 -13.06 -9.64
N PHE A 761 23.92 -14.17 -8.94
CA PHE A 761 22.90 -14.22 -7.90
C PHE A 761 23.31 -13.42 -6.67
N PHE A 762 24.60 -13.42 -6.35
CA PHE A 762 25.07 -12.73 -5.15
C PHE A 762 25.30 -11.25 -5.36
N GLN A 763 25.23 -10.75 -6.59
CA GLN A 763 25.29 -9.32 -6.86
C GLN A 763 23.91 -8.73 -6.61
N ASN A 764 23.61 -8.49 -5.34
CA ASN A 764 22.32 -7.93 -4.96
C ASN A 764 22.29 -6.44 -5.28
N LEU A 765 21.33 -6.02 -6.10
CA LEU A 765 21.20 -4.62 -6.48
C LEU A 765 20.08 -3.92 -5.73
N SER A 766 19.24 -4.65 -5.02
CA SER A 766 18.17 -4.06 -4.23
C SER A 766 17.87 -5.01 -3.07
N SER A 767 17.25 -4.46 -2.03
CA SER A 767 16.94 -5.24 -0.84
C SER A 767 15.76 -4.61 -0.13
N TRP A 768 14.69 -5.37 0.05
CA TRP A 768 13.54 -4.90 0.81
C TRP A 768 13.71 -5.11 2.31
N GLU A 769 14.83 -5.68 2.74
CA GLU A 769 15.08 -5.90 4.16
C GLU A 769 15.32 -4.61 4.92
N GLY A 770 15.73 -3.54 4.23
CA GLY A 770 15.91 -2.26 4.88
C GLY A 770 14.95 -1.21 4.37
N THR A 771 15.29 0.05 4.60
CA THR A 771 14.49 1.16 4.12
C THR A 771 14.63 1.29 2.61
N PRO A 772 13.66 1.94 1.94
CA PRO A 772 13.80 2.16 0.49
C PRO A 772 15.01 3.00 0.10
N ALA A 773 15.44 3.93 0.96
CA ALA A 773 16.65 4.68 0.66
C ALA A 773 17.89 3.84 0.81
N GLU A 774 17.87 2.85 1.71
CA GLU A 774 19.02 1.96 1.86
C GLU A 774 19.11 0.97 0.71
N SER A 775 17.96 0.65 0.10
CA SER A 775 17.98 -0.23 -1.07
C SER A 775 18.57 0.46 -2.29
N ARG A 776 18.40 1.78 -2.39
CA ARG A 776 18.89 2.52 -3.54
C ARG A 776 20.41 2.68 -3.53
N GLU A 777 21.08 2.43 -2.41
CA GLU A 777 22.52 2.57 -2.36
C GLU A 777 23.24 1.47 -3.15
N LYS A 778 22.58 0.35 -3.38
CA LYS A 778 23.18 -0.80 -4.05
C LYS A 778 22.81 -0.88 -5.52
N ASN A 779 22.18 0.15 -6.07
CA ASN A 779 21.79 0.14 -7.47
C ASN A 779 23.02 0.24 -8.37
N ARG A 780 22.93 -0.39 -9.54
CA ARG A 780 24.03 -0.41 -10.48
C ARG A 780 23.50 -0.24 -11.89
N GLU A 781 24.39 0.12 -12.80
CA GLU A 781 24.01 0.37 -14.18
C GLU A 781 23.84 -0.94 -14.95
N CYS A 782 23.32 -0.83 -16.17
CA CYS A 782 23.12 -1.99 -17.02
C CYS A 782 24.43 -2.40 -17.66
N ILE A 783 24.71 -3.70 -17.65
CA ILE A 783 25.96 -4.25 -18.14
C ILE A 783 25.76 -5.13 -19.37
N LEU A 784 24.60 -5.07 -20.00
CA LEU A 784 24.31 -5.88 -21.18
C LEU A 784 23.43 -5.08 -22.12
N LEU A 785 24.04 -4.50 -23.16
CA LEU A 785 23.38 -3.74 -24.22
C LEU A 785 22.62 -2.53 -23.67
N ASP A 786 23.07 -2.00 -22.53
CA ASP A 786 22.45 -0.90 -21.80
C ASP A 786 20.98 -1.18 -21.47
N PHE A 787 20.64 -2.46 -21.26
CA PHE A 787 19.27 -2.84 -20.96
C PHE A 787 19.12 -3.84 -19.82
N PHE A 788 20.13 -4.63 -19.50
CA PHE A 788 20.02 -5.67 -18.50
C PHE A 788 21.10 -5.49 -17.45
N ASP A 789 20.70 -5.53 -16.18
CA ASP A 789 21.64 -5.42 -15.07
C ASP A 789 22.09 -6.83 -14.64
N ASP A 790 22.70 -6.92 -13.47
CA ASP A 790 23.22 -8.20 -12.99
C ASP A 790 22.10 -9.15 -12.60
N HIS A 791 21.00 -8.65 -12.05
CA HIS A 791 19.91 -9.52 -11.66
C HIS A 791 19.13 -10.03 -12.86
N ASP A 792 19.06 -9.26 -13.94
CA ASP A 792 18.36 -9.73 -15.12
C ASP A 792 19.17 -10.78 -15.87
N ILE A 793 20.50 -10.72 -15.76
CA ILE A 793 21.35 -11.77 -16.32
C ILE A 793 21.17 -13.07 -15.53
N TRP A 794 20.97 -12.96 -14.21
CA TRP A 794 20.66 -14.12 -13.38
C TRP A 794 19.37 -14.80 -13.80
N HIS A 795 18.38 -14.04 -14.27
CA HIS A 795 17.17 -14.63 -14.80
C HIS A 795 17.43 -15.39 -16.09
N PHE A 796 18.44 -14.99 -16.86
CA PHE A 796 18.77 -15.70 -18.08
C PHE A 796 19.54 -16.98 -17.79
N LEU A 797 20.56 -16.90 -16.94
CA LEU A 797 21.45 -18.03 -16.72
C LEU A 797 20.82 -19.10 -15.86
N SER A 798 19.97 -18.73 -14.89
CA SER A 798 19.30 -19.74 -14.10
C SER A 798 18.23 -20.47 -14.89
N ALA A 799 17.69 -19.82 -15.92
CA ALA A 799 16.77 -20.51 -16.84
C ALA A 799 17.51 -21.58 -17.62
N THR A 800 18.74 -21.30 -18.06
CA THR A 800 19.52 -22.29 -18.77
C THR A 800 20.03 -23.37 -17.82
N ALA A 801 20.43 -22.97 -16.62
CA ALA A 801 21.00 -23.93 -15.66
C ALA A 801 19.94 -24.87 -15.11
N LEU A 802 18.71 -24.40 -14.94
CA LEU A 802 17.62 -25.30 -14.56
C LEU A 802 17.27 -26.24 -15.71
N PHE A 803 17.34 -25.75 -16.95
CA PHE A 803 16.98 -26.56 -18.10
C PHE A 803 18.01 -27.66 -18.36
N PHE A 804 19.29 -27.33 -18.23
CA PHE A 804 20.32 -28.33 -18.49
C PHE A 804 20.43 -29.33 -17.35
N SER A 805 20.15 -28.92 -16.12
CA SER A 805 20.12 -29.87 -15.01
C SER A 805 18.92 -30.79 -15.10
N PHE A 806 17.79 -30.29 -15.60
CA PHE A 806 16.62 -31.15 -15.78
C PHE A 806 16.83 -32.12 -16.95
N LEU A 807 17.59 -31.70 -17.96
CA LEU A 807 17.89 -32.58 -19.07
C LEU A 807 18.90 -33.66 -18.69
N VAL A 808 19.72 -33.39 -17.68
CA VAL A 808 20.65 -34.40 -17.17
C VAL A 808 19.86 -35.54 -16.51
N LEU A 809 18.85 -35.19 -15.71
CA LEU A 809 18.05 -36.20 -15.03
C LEU A 809 17.19 -37.02 -15.99
N LEU A 810 16.81 -36.45 -17.14
CA LEU A 810 16.10 -37.23 -18.15
C LEU A 810 17.03 -38.23 -18.82
N THR A 811 18.30 -37.88 -18.96
CA THR A 811 19.29 -38.75 -19.59
C THR A 811 19.95 -39.61 -18.52
N LEU A 812 21.11 -40.21 -18.86
CA LEU A 812 21.92 -41.10 -18.03
C LEU A 812 21.22 -42.41 -17.67
N ASP A 813 20.18 -42.78 -18.42
CA ASP A 813 19.47 -44.04 -18.22
C ASP A 813 19.31 -44.81 -19.53
N ASP A 814 20.14 -44.52 -20.52
CA ASP A 814 20.05 -45.20 -21.81
C ASP A 814 20.70 -46.57 -21.80
N ASP A 815 21.49 -46.90 -20.79
CA ASP A 815 22.11 -48.20 -20.68
C ASP A 815 21.23 -49.15 -19.86
N ARG B 44 -1.21 50.81 13.86
CA ARG B 44 -2.56 51.28 14.09
C ARG B 44 -3.32 50.39 15.07
N GLY B 45 -3.80 50.98 16.16
CA GLY B 45 -4.59 50.23 17.11
C GLY B 45 -5.96 49.90 16.53
N ALA B 46 -6.37 48.65 16.66
CA ALA B 46 -7.61 48.19 16.06
C ALA B 46 -8.39 47.35 17.05
N ASP B 47 -9.70 47.24 16.80
CA ASP B 47 -10.61 46.54 17.69
C ASP B 47 -11.15 45.29 17.02
N PHE B 48 -11.51 44.31 17.85
CA PHE B 48 -12.11 43.09 17.34
C PHE B 48 -13.54 43.33 16.89
N ASP B 49 -14.03 42.40 16.06
CA ASP B 49 -15.42 42.37 15.56
C ASP B 49 -15.80 43.64 14.80
N HIS B 50 -14.84 44.23 14.10
CA HIS B 50 -15.07 45.43 13.30
C HIS B 50 -14.51 45.20 11.91
N VAL B 51 -15.32 45.50 10.90
CA VAL B 51 -14.91 45.28 9.51
C VAL B 51 -14.14 46.51 9.05
N TYR B 52 -12.82 46.37 8.94
CA TYR B 52 -11.97 47.43 8.43
C TYR B 52 -11.84 47.28 6.91
N SER B 53 -12.03 48.37 6.20
CA SER B 53 -11.87 48.40 4.76
C SER B 53 -10.78 49.40 4.40
N GLY B 54 -10.21 49.21 3.21
CA GLY B 54 -9.15 50.11 2.78
C GLY B 54 -8.74 49.81 1.36
N VAL B 55 -7.88 50.68 0.84
CA VAL B 55 -7.29 50.53 -0.48
C VAL B 55 -5.78 50.54 -0.30
N VAL B 56 -5.11 49.52 -0.82
CA VAL B 56 -3.66 49.43 -0.71
C VAL B 56 -3.09 49.28 -2.11
N ASN B 57 -1.87 49.78 -2.29
CA ASN B 57 -1.16 49.65 -3.56
C ASN B 57 0.33 49.59 -3.26
N LEU B 58 1.16 49.92 -4.26
CA LEU B 58 2.60 49.72 -4.18
C LEU B 58 3.24 50.57 -3.08
N SER B 59 2.81 51.82 -2.93
CA SER B 59 3.46 52.68 -1.95
C SER B 59 2.91 52.45 -0.54
N THR B 60 1.60 52.35 -0.40
CA THR B 60 1.00 52.21 0.93
C THR B 60 1.07 50.76 1.40
N GLU B 61 0.98 50.60 2.72
CA GLU B 61 0.93 49.28 3.35
C GLU B 61 0.26 49.44 4.70
N ASN B 62 -0.97 48.95 4.83
CA ASN B 62 -1.70 49.09 6.08
C ASN B 62 -1.27 48.03 7.08
N ILE B 63 -1.07 48.46 8.32
CA ILE B 63 -0.68 47.58 9.42
C ILE B 63 -1.67 47.79 10.56
N TYR B 64 -2.35 46.73 10.97
CA TYR B 64 -3.29 46.76 12.07
C TYR B 64 -2.72 46.00 13.24
N SER B 65 -2.77 46.60 14.42
CA SER B 65 -2.30 45.96 15.64
C SER B 65 -3.50 45.58 16.50
N PHE B 66 -3.56 44.32 16.90
CA PHE B 66 -4.64 43.81 17.72
C PHE B 66 -4.09 43.36 19.06
N ASN B 67 -4.73 43.81 20.12
CA ASN B 67 -4.25 43.64 21.48
C ASN B 67 -5.34 42.98 22.31
N TYR B 68 -5.00 41.88 22.97
CA TYR B 68 -5.96 41.15 23.80
C TYR B 68 -5.19 40.37 24.86
N THR B 69 -5.94 39.75 25.75
CA THR B 69 -5.37 38.98 26.85
C THR B 69 -6.01 37.60 26.90
N SER B 70 -5.27 36.64 27.45
CA SER B 70 -5.73 35.26 27.56
C SER B 70 -5.87 34.88 29.02
N GLN B 71 -7.02 34.33 29.38
CA GLN B 71 -7.27 33.95 30.76
C GLN B 71 -6.49 32.70 31.13
N PRO B 72 -6.12 32.54 32.41
CA PRO B 72 -5.33 31.36 32.81
C PRO B 72 -6.10 30.05 32.84
N ASP B 73 -7.40 30.06 32.58
CA ASP B 73 -8.14 28.80 32.44
C ASP B 73 -8.91 28.73 31.13
N GLN B 74 -9.47 29.84 30.67
CA GLN B 74 -10.16 29.87 29.39
C GLN B 74 -9.14 29.95 28.25
N VAL B 75 -9.42 29.23 27.17
CA VAL B 75 -8.58 29.24 25.98
C VAL B 75 -9.32 29.97 24.86
N THR B 76 -8.63 30.91 24.23
CA THR B 76 -9.23 31.75 23.20
C THR B 76 -8.48 31.57 21.89
N ALA B 77 -9.22 31.71 20.79
CA ALA B 77 -8.65 31.61 19.46
C ALA B 77 -9.12 32.80 18.63
N VAL B 78 -8.27 33.22 17.70
CA VAL B 78 -8.49 34.41 16.89
C VAL B 78 -8.64 33.98 15.45
N ARG B 79 -9.70 34.47 14.79
CA ARG B 79 -9.94 34.19 13.38
C ARG B 79 -9.85 35.49 12.58
N VAL B 80 -9.18 35.42 11.43
CA VAL B 80 -8.95 36.57 10.57
C VAL B 80 -9.67 36.34 9.25
N TYR B 81 -10.51 37.28 8.86
CA TYR B 81 -11.24 37.22 7.59
C TYR B 81 -10.75 38.34 6.68
N VAL B 82 -10.35 37.98 5.46
CA VAL B 82 -9.94 38.96 4.45
C VAL B 82 -10.77 38.75 3.20
N ASN B 83 -11.37 39.82 2.68
CA ASN B 83 -12.04 39.83 1.40
C ASN B 83 -11.20 40.58 0.38
N SER B 84 -11.47 40.34 -0.90
CA SER B 84 -10.80 41.08 -1.97
C SER B 84 -11.71 41.07 -3.20
N SER B 85 -12.37 42.19 -3.44
CA SER B 85 -13.25 42.33 -4.60
C SER B 85 -12.50 42.57 -5.90
N SER B 86 -11.22 42.95 -5.82
CA SER B 86 -10.43 43.22 -7.02
C SER B 86 -10.06 41.91 -7.68
N GLU B 87 -10.40 41.76 -8.96
CA GLU B 87 -10.18 40.52 -9.69
C GLU B 87 -9.02 40.63 -10.67
N ASN B 88 -8.08 41.55 -10.41
CA ASN B 88 -6.83 41.57 -11.15
C ASN B 88 -5.93 40.49 -10.55
N LEU B 89 -5.84 39.35 -11.24
CA LEU B 89 -5.11 38.21 -10.71
C LEU B 89 -3.60 38.38 -10.78
N ASN B 90 -3.10 39.35 -11.54
CA ASN B 90 -1.67 39.59 -11.60
C ASN B 90 -1.15 40.36 -10.40
N TYR B 91 -2.06 41.02 -9.69
CA TYR B 91 -1.66 41.85 -8.51
C TYR B 91 -2.53 41.49 -7.31
N PRO B 92 -2.30 40.36 -6.62
CA PRO B 92 -3.16 39.97 -5.50
C PRO B 92 -2.86 40.80 -4.26
N VAL B 93 -3.69 40.60 -3.25
CA VAL B 93 -3.54 41.25 -1.95
C VAL B 93 -2.79 40.29 -1.03
N LEU B 94 -1.62 40.71 -0.56
CA LEU B 94 -0.77 39.85 0.27
C LEU B 94 -0.97 40.23 1.74
N VAL B 95 -1.43 39.27 2.54
CA VAL B 95 -1.74 39.48 3.94
C VAL B 95 -0.74 38.69 4.78
N VAL B 96 -0.12 39.38 5.74
CA VAL B 96 0.84 38.76 6.65
C VAL B 96 0.36 38.99 8.06
N VAL B 97 0.21 37.91 8.82
CA VAL B 97 -0.21 37.98 10.22
C VAL B 97 0.97 37.56 11.08
N ARG B 98 1.43 38.46 11.93
CA ARG B 98 2.59 38.23 12.79
C ARG B 98 2.15 38.07 14.23
N GLN B 99 2.67 37.06 14.90
CA GLN B 99 2.46 36.84 16.32
C GLN B 99 3.82 36.92 17.02
N GLN B 100 3.84 36.51 18.29
CA GLN B 100 5.10 36.51 19.02
C GLN B 100 6.02 35.39 18.53
N LYS B 101 5.48 34.19 18.33
CA LYS B 101 6.28 33.03 17.97
C LYS B 101 5.93 32.45 16.61
N GLU B 102 5.09 33.11 15.83
CA GLU B 102 4.62 32.52 14.59
C GLU B 102 4.29 33.63 13.61
N VAL B 103 4.51 33.36 12.32
CA VAL B 103 4.16 34.26 11.24
C VAL B 103 3.34 33.49 10.22
N LEU B 104 2.20 34.06 9.83
CA LEU B 104 1.32 33.46 8.83
C LEU B 104 1.22 34.41 7.65
N SER B 105 1.15 33.85 6.45
CA SER B 105 1.04 34.68 5.26
C SER B 105 0.22 33.95 4.22
N TRP B 106 -0.63 34.71 3.51
CA TRP B 106 -1.40 34.17 2.41
C TRP B 106 -1.74 35.31 1.47
N GLN B 107 -2.17 34.96 0.27
CA GLN B 107 -2.56 35.94 -0.73
C GLN B 107 -4.04 35.80 -1.05
N VAL B 108 -4.71 36.95 -1.20
CA VAL B 108 -6.13 37.00 -1.53
C VAL B 108 -6.25 37.67 -2.90
N PRO B 109 -6.92 37.05 -3.88
CA PRO B 109 -7.66 35.78 -3.86
C PRO B 109 -6.78 34.54 -3.90
N LEU B 110 -7.23 33.47 -3.25
CA LEU B 110 -6.49 32.22 -3.23
C LEU B 110 -6.57 31.54 -4.58
N LEU B 111 -5.49 30.85 -4.95
CA LEU B 111 -5.42 30.14 -6.22
C LEU B 111 -5.20 28.67 -5.95
N PHE B 112 -5.99 27.83 -6.59
CA PHE B 112 -5.85 26.38 -6.50
C PHE B 112 -5.64 25.81 -7.89
N GLN B 113 -4.59 25.01 -8.05
CA GLN B 113 -4.29 24.38 -9.33
C GLN B 113 -4.97 23.03 -9.38
N GLY B 114 -6.07 22.95 -10.12
CA GLY B 114 -6.79 21.70 -10.25
C GLY B 114 -6.15 20.78 -11.28
N LEU B 115 -6.73 19.60 -11.40
CA LEU B 115 -6.30 18.66 -12.41
C LEU B 115 -6.76 19.12 -13.79
N TYR B 116 -6.02 18.66 -14.81
CA TYR B 116 -6.28 18.92 -16.23
C TYR B 116 -6.32 20.41 -16.54
N GLN B 117 -5.38 21.15 -15.95
CA GLN B 117 -5.15 22.59 -16.19
C GLN B 117 -6.39 23.42 -15.87
N ARG B 118 -6.79 23.38 -14.60
CA ARG B 118 -7.92 24.15 -14.11
C ARG B 118 -7.48 24.99 -12.93
N SER B 119 -8.03 26.20 -12.84
CA SER B 119 -7.68 27.13 -11.78
C SER B 119 -8.96 27.69 -11.15
N TYR B 120 -8.88 27.98 -9.85
CA TYR B 120 -10.01 28.48 -9.09
C TYR B 120 -9.59 29.70 -8.29
N ASN B 121 -10.51 30.65 -8.14
CA ASN B 121 -10.29 31.83 -7.33
C ASN B 121 -11.21 31.79 -6.12
N TYR B 122 -10.77 32.43 -5.04
CA TYR B 122 -11.54 32.49 -3.80
C TYR B 122 -11.31 33.87 -3.19
N GLN B 123 -12.29 34.76 -3.34
CA GLN B 123 -12.13 36.13 -2.88
C GLN B 123 -12.22 36.27 -1.36
N GLU B 124 -12.80 35.29 -0.66
CA GLU B 124 -12.93 35.34 0.78
C GLU B 124 -12.03 34.27 1.38
N VAL B 125 -10.99 34.69 2.09
CA VAL B 125 -10.02 33.80 2.71
C VAL B 125 -10.05 34.02 4.21
N SER B 126 -10.22 32.94 4.97
CA SER B 126 -10.27 33.00 6.41
C SER B 126 -9.27 32.03 7.00
N ARG B 127 -8.79 32.35 8.20
CA ARG B 127 -7.78 31.53 8.86
C ARG B 127 -7.87 31.74 10.37
N THR B 128 -7.64 30.65 11.11
CA THR B 128 -7.68 30.69 12.57
C THR B 128 -6.26 30.53 13.09
N LEU B 129 -5.80 31.49 13.88
CA LEU B 129 -4.44 31.48 14.37
C LEU B 129 -4.26 30.44 15.48
N CYS B 130 -3.04 30.00 15.66
CA CYS B 130 -2.73 28.97 16.64
C CYS B 130 -2.84 29.55 18.04
N PRO B 131 -3.69 29.02 18.91
CA PRO B 131 -3.85 29.59 20.24
C PRO B 131 -2.71 29.20 21.17
N SER B 132 -2.40 30.11 22.09
CA SER B 132 -1.45 29.85 23.16
C SER B 132 -2.23 29.79 24.47
N GLU B 133 -2.16 28.66 25.15
CA GLU B 133 -2.95 28.43 26.35
C GLU B 133 -2.20 28.94 27.56
N ALA B 134 -2.86 29.79 28.34
CA ALA B 134 -2.30 30.28 29.59
C ALA B 134 -2.69 29.32 30.72
N THR B 135 -1.74 29.04 31.60
CA THR B 135 -1.95 28.15 32.72
C THR B 135 -1.97 28.94 34.02
N ASN B 136 -2.09 28.22 35.13
CA ASN B 136 -2.05 28.86 36.44
C ASN B 136 -0.64 29.31 36.79
N GLU B 137 0.38 28.65 36.24
CA GLU B 137 1.76 29.01 36.54
C GLU B 137 2.21 30.28 35.83
N THR B 138 1.50 30.69 34.78
CA THR B 138 1.84 31.90 34.05
C THR B 138 0.87 33.05 34.30
N GLY B 139 -0.35 32.77 34.76
CA GLY B 139 -1.34 33.80 34.94
C GLY B 139 -1.88 34.29 33.62
N PRO B 140 -2.53 35.45 33.62
CA PRO B 140 -2.97 36.05 32.36
C PRO B 140 -1.81 36.49 31.51
N LEU B 141 -1.97 36.39 30.20
CA LEU B 141 -0.92 36.70 29.24
C LEU B 141 -1.43 37.72 28.24
N GLN B 142 -0.70 38.82 28.10
CA GLN B 142 -0.99 39.79 27.05
C GLN B 142 -0.41 39.30 25.73
N GLN B 143 -1.15 39.51 24.65
CA GLN B 143 -0.71 39.05 23.34
C GLN B 143 -0.95 40.14 22.31
N LEU B 144 -0.07 40.19 21.32
CA LEU B 144 -0.13 41.15 20.23
C LEU B 144 -0.22 40.42 18.91
N ILE B 145 -1.03 40.95 17.99
CA ILE B 145 -1.16 40.41 16.65
C ILE B 145 -1.06 41.58 15.68
N PHE B 146 -0.09 41.51 14.77
CA PHE B 146 0.05 42.50 13.72
C PHE B 146 -0.44 41.90 12.41
N VAL B 147 -1.32 42.60 11.73
CA VAL B 147 -1.86 42.16 10.45
C VAL B 147 -1.41 43.16 9.39
N ASP B 148 -0.44 42.77 8.58
CA ASP B 148 0.11 43.62 7.54
C ASP B 148 -0.57 43.27 6.22
N VAL B 149 -1.24 44.24 5.62
CA VAL B 149 -1.92 44.06 4.35
C VAL B 149 -1.21 44.92 3.31
N ALA B 150 -0.75 44.29 2.24
CA ALA B 150 0.02 44.99 1.22
C ALA B 150 -0.25 44.38 -0.13
N SER B 151 0.05 45.15 -1.17
CA SER B 151 -0.06 44.68 -2.54
C SER B 151 0.89 45.47 -3.41
N MET B 152 1.15 44.95 -4.61
CA MET B 152 2.07 45.64 -5.56
C MET B 152 1.26 46.15 -6.77
N ALA B 153 -0.06 46.32 -6.61
CA ALA B 153 -0.88 46.82 -7.70
C ALA B 153 -0.52 48.27 -8.00
N PRO B 154 -0.52 48.68 -9.27
CA PRO B 154 -0.22 50.09 -9.56
C PRO B 154 -1.36 51.03 -9.19
N LEU B 155 -2.61 50.65 -9.47
CA LEU B 155 -3.73 51.52 -9.17
C LEU B 155 -4.15 51.38 -7.71
N GLY B 156 -4.53 50.19 -7.30
CA GLY B 156 -4.96 49.93 -5.94
C GLY B 156 -5.92 48.75 -5.92
N ALA B 157 -5.86 48.00 -4.82
CA ALA B 157 -6.71 46.84 -4.63
C ALA B 157 -7.54 47.03 -3.37
N GLN B 158 -8.83 46.76 -3.47
CA GLN B 158 -9.73 46.87 -2.32
C GLN B 158 -9.68 45.62 -1.48
N TYR B 159 -9.84 45.79 -0.17
CA TYR B 159 -9.85 44.66 0.75
C TYR B 159 -10.71 45.01 1.95
N LYS B 160 -11.24 43.97 2.59
CA LYS B 160 -12.00 44.11 3.82
C LYS B 160 -11.45 43.14 4.84
N LEU B 161 -11.07 43.65 6.00
CA LEU B 161 -10.46 42.85 7.06
C LEU B 161 -11.38 42.83 8.27
N LEU B 162 -11.63 41.63 8.79
CA LEU B 162 -12.41 41.48 10.02
C LEU B 162 -11.74 40.43 10.90
N VAL B 163 -11.49 40.80 12.15
CA VAL B 163 -10.80 39.92 13.10
C VAL B 163 -11.70 39.74 14.31
N THR B 164 -12.10 38.49 14.55
CA THR B 164 -12.99 38.16 15.66
C THR B 164 -12.34 37.11 16.56
N LYS B 165 -12.79 37.07 17.80
CA LYS B 165 -12.47 35.98 18.70
C LYS B 165 -13.49 34.87 18.55
N LEU B 166 -13.06 33.64 18.79
CA LEU B 166 -13.93 32.48 18.67
C LEU B 166 -14.46 32.11 20.05
N LYS B 167 -15.77 32.17 20.22
CA LYS B 167 -16.40 31.81 21.47
C LYS B 167 -16.78 30.34 21.55
N HIS B 168 -16.64 29.60 20.45
CA HIS B 168 -16.97 28.18 20.40
C HIS B 168 -15.77 27.37 19.95
N PHE B 169 -14.58 27.72 20.44
CA PHE B 169 -13.37 27.03 20.02
C PHE B 169 -13.26 25.66 20.68
N GLN B 170 -13.64 25.55 21.95
CA GLN B 170 -13.53 24.29 22.67
C GLN B 170 -14.77 23.45 22.46
N LEU B 171 -14.58 22.18 22.10
CA LEU B 171 -15.67 21.26 21.89
C LEU B 171 -16.05 20.56 23.19
N ARG B 172 -17.30 20.11 23.27
CA ARG B 172 -17.83 19.48 24.46
C ARG B 172 -18.18 18.03 24.15
N THR B 173 -18.12 17.20 25.19
CA THR B 173 -18.45 15.79 25.04
C THR B 173 -19.96 15.61 24.87
N ASN B 174 -20.33 14.76 23.90
CA ASN B 174 -21.72 14.36 23.61
C ASN B 174 -22.60 15.55 23.21
N VAL B 175 -22.01 16.60 22.66
CA VAL B 175 -22.74 17.79 22.24
C VAL B 175 -22.44 18.02 20.77
N ALA B 176 -23.48 18.05 19.95
CA ALA B 176 -23.32 18.30 18.53
C ALA B 176 -23.04 19.77 18.28
N PHE B 177 -22.08 20.05 17.39
CA PHE B 177 -21.70 21.41 17.06
C PHE B 177 -21.80 21.60 15.56
N HIS B 178 -22.47 22.67 15.13
CA HIS B 178 -22.68 22.94 13.72
C HIS B 178 -21.82 24.11 13.28
N PHE B 179 -21.19 23.95 12.12
CA PHE B 179 -20.29 24.96 11.58
C PHE B 179 -20.21 24.78 10.07
N THR B 180 -19.67 25.79 9.40
CA THR B 180 -19.56 25.80 7.95
C THR B 180 -18.12 26.06 7.56
N ALA B 181 -17.59 25.24 6.66
CA ALA B 181 -16.23 25.39 6.18
C ALA B 181 -16.22 25.63 4.68
N SER B 182 -15.04 25.91 4.15
CA SER B 182 -14.85 26.29 2.76
C SER B 182 -13.42 25.98 2.38
N PRO B 183 -13.12 25.77 1.09
CA PRO B 183 -11.73 25.51 0.67
C PRO B 183 -10.76 26.64 1.00
N SER B 184 -11.22 27.88 1.04
CA SER B 184 -10.39 28.99 1.46
C SER B 184 -10.54 29.32 2.94
N GLN B 185 -11.53 28.73 3.62
CA GLN B 185 -11.80 29.01 5.03
C GLN B 185 -11.79 27.70 5.81
N PRO B 186 -10.61 27.19 6.16
CA PRO B 186 -10.56 25.99 7.00
C PRO B 186 -10.90 26.32 8.44
N GLN B 187 -11.42 25.33 9.15
CA GLN B 187 -11.81 25.47 10.55
C GLN B 187 -11.16 24.38 11.36
N TYR B 188 -10.80 24.69 12.61
CA TYR B 188 -10.37 23.65 13.53
C TYR B 188 -10.76 24.05 14.95
N PHE B 189 -10.98 23.03 15.78
CA PHE B 189 -11.46 23.19 17.14
C PHE B 189 -10.61 22.34 18.08
N LEU B 190 -10.82 22.53 19.37
CA LEU B 190 -10.01 21.91 20.41
C LEU B 190 -10.90 21.04 21.29
N TYR B 191 -10.45 19.83 21.59
CA TYR B 191 -11.11 18.98 22.56
C TYR B 191 -10.13 18.62 23.68
N LYS B 192 -10.62 18.67 24.90
CA LYS B 192 -9.83 18.31 26.07
C LYS B 192 -10.35 16.99 26.63
N PHE B 193 -9.44 16.07 26.91
CA PHE B 193 -9.83 14.76 27.43
C PHE B 193 -10.26 14.89 28.89
N PRO B 194 -11.43 14.40 29.26
CA PRO B 194 -11.79 14.32 30.68
C PRO B 194 -10.96 13.24 31.37
N LYS B 195 -10.99 13.29 32.71
CA LYS B 195 -10.17 12.37 33.49
C LYS B 195 -10.68 10.94 33.42
N ASP B 196 -12.00 10.74 33.44
CA ASP B 196 -12.55 9.40 33.40
C ASP B 196 -12.49 8.78 32.02
N VAL B 197 -12.64 9.58 30.97
CA VAL B 197 -12.69 9.08 29.60
C VAL B 197 -11.28 8.71 29.15
N ASP B 198 -11.13 7.53 28.55
CA ASP B 198 -9.85 7.06 28.06
C ASP B 198 -9.77 6.95 26.55
N SER B 199 -10.91 6.99 25.85
CA SER B 199 -10.93 6.91 24.40
C SER B 199 -12.22 7.52 23.89
N VAL B 200 -12.13 8.28 22.80
CA VAL B 200 -13.28 8.97 22.22
C VAL B 200 -13.37 8.63 20.74
N ILE B 201 -14.56 8.85 20.19
CA ILE B 201 -14.83 8.72 18.76
C ILE B 201 -15.35 10.05 18.25
N ILE B 202 -14.73 10.57 17.20
CA ILE B 202 -15.15 11.82 16.60
C ILE B 202 -16.08 11.50 15.44
N LYS B 203 -17.36 11.83 15.59
CA LYS B 203 -18.37 11.53 14.58
C LYS B 203 -18.75 12.80 13.85
N VAL B 204 -18.44 12.84 12.55
CA VAL B 204 -18.75 13.99 11.71
C VAL B 204 -19.76 13.54 10.67
N VAL B 205 -20.85 14.29 10.53
CA VAL B 205 -21.94 13.95 9.63
C VAL B 205 -22.31 15.19 8.82
N SER B 206 -22.46 15.01 7.51
CA SER B 206 -22.90 16.07 6.62
C SER B 206 -24.08 15.58 5.79
N GLU B 207 -24.96 16.50 5.43
CA GLU B 207 -26.18 16.14 4.70
C GLU B 207 -25.98 16.12 3.20
N MET B 208 -24.84 16.58 2.69
CA MET B 208 -24.58 16.60 1.26
C MET B 208 -23.23 15.94 0.98
N ALA B 209 -23.13 15.26 -0.15
CA ALA B 209 -21.93 14.51 -0.47
C ALA B 209 -20.78 15.44 -0.85
N TYR B 210 -21.05 16.44 -1.68
CA TYR B 210 -20.00 17.32 -2.15
C TYR B 210 -20.13 18.70 -1.51
N PRO B 211 -19.02 19.42 -1.28
CA PRO B 211 -17.61 19.16 -1.63
C PRO B 211 -16.89 18.12 -0.79
N CYS B 212 -15.85 17.53 -1.36
CA CYS B 212 -15.07 16.51 -0.68
C CYS B 212 -14.20 17.15 0.39
N SER B 213 -14.22 16.58 1.59
CA SER B 213 -13.59 17.18 2.76
C SER B 213 -12.53 16.24 3.34
N VAL B 214 -11.72 16.78 4.23
CA VAL B 214 -10.71 16.02 4.96
C VAL B 214 -10.80 16.38 6.43
N VAL B 215 -10.95 15.37 7.28
CA VAL B 215 -10.94 15.54 8.72
C VAL B 215 -9.62 15.00 9.25
N SER B 216 -8.93 15.79 10.07
CA SER B 216 -7.63 15.39 10.59
C SER B 216 -7.55 15.72 12.07
N VAL B 217 -6.79 14.90 12.79
CA VAL B 217 -6.56 15.08 14.23
C VAL B 217 -5.08 15.29 14.45
N GLN B 218 -4.72 16.40 15.07
CA GLN B 218 -3.32 16.81 15.20
C GLN B 218 -3.01 17.17 16.64
N ASN B 219 -1.74 17.46 16.89
CA ASN B 219 -1.25 17.77 18.23
C ASN B 219 -1.52 19.24 18.57
N ILE B 220 -1.28 19.58 19.83
CA ILE B 220 -1.47 20.93 20.32
C ILE B 220 -0.40 21.88 19.80
N MET B 221 0.82 21.39 19.63
CA MET B 221 1.97 22.25 19.36
C MET B 221 1.88 22.92 17.99
N CYS B 222 2.07 24.23 17.99
CA CYS B 222 2.01 25.02 16.77
C CYS B 222 3.21 24.68 15.88
N PRO B 223 3.06 24.77 14.54
CA PRO B 223 1.91 25.21 13.75
C PRO B 223 0.84 24.14 13.56
N VAL B 224 -0.36 24.57 13.21
CA VAL B 224 -1.46 23.67 12.90
C VAL B 224 -1.62 23.63 11.39
N TYR B 225 -1.45 22.44 10.82
CA TYR B 225 -1.48 22.30 9.36
C TYR B 225 -2.93 22.19 8.92
N ASP B 226 -3.48 23.31 8.44
CA ASP B 226 -4.88 23.38 8.01
C ASP B 226 -5.00 23.72 6.53
N LEU B 227 -3.95 23.53 5.76
CA LEU B 227 -3.99 23.75 4.33
C LEU B 227 -4.00 22.40 3.61
N ASP B 228 -4.38 22.43 2.32
CA ASP B 228 -4.59 21.20 1.59
C ASP B 228 -3.29 20.48 1.28
N HIS B 229 -2.16 21.16 1.32
CA HIS B 229 -0.88 20.54 0.99
C HIS B 229 -0.11 20.05 2.20
N ASN B 230 -0.63 20.25 3.42
CA ASN B 230 0.08 19.76 4.59
C ASN B 230 -0.83 19.12 5.63
N VAL B 231 -2.13 18.97 5.36
CA VAL B 231 -3.06 18.44 6.34
C VAL B 231 -2.75 16.96 6.64
N GLU B 232 -2.31 16.22 5.63
CA GLU B 232 -1.99 14.80 5.80
C GLU B 232 -0.51 14.59 6.12
N PHE B 233 0.20 15.62 6.58
CA PHE B 233 1.62 15.45 6.88
C PHE B 233 1.82 14.64 8.15
N ASN B 234 1.07 14.94 9.20
CA ASN B 234 1.20 14.21 10.45
C ASN B 234 -0.16 14.13 11.12
N GLY B 235 -0.29 13.17 12.02
CA GLY B 235 -1.54 12.94 12.72
C GLY B 235 -2.50 12.08 11.92
N VAL B 236 -3.53 11.61 12.61
CA VAL B 236 -4.56 10.77 12.00
C VAL B 236 -5.46 11.65 11.14
N TYR B 237 -5.68 11.24 9.90
CA TYR B 237 -6.58 11.97 9.01
C TYR B 237 -7.49 11.01 8.28
N GLN B 238 -8.64 11.53 7.86
CA GLN B 238 -9.64 10.77 7.13
C GLN B 238 -10.23 11.66 6.04
N SER B 239 -10.71 11.01 4.99
CA SER B 239 -11.39 11.71 3.90
C SER B 239 -12.87 11.38 3.94
N MET B 240 -13.71 12.39 3.79
CA MET B 240 -15.15 12.19 3.95
C MET B 240 -15.91 12.93 2.85
N THR B 241 -17.11 12.42 2.60
CA THR B 241 -18.13 13.09 1.81
C THR B 241 -19.39 13.37 2.62
N LYS B 242 -19.86 12.38 3.37
CA LYS B 242 -21.03 12.52 4.22
C LYS B 242 -20.77 12.14 5.66
N LYS B 243 -19.94 11.12 5.90
CA LYS B 243 -19.69 10.64 7.25
C LYS B 243 -18.19 10.41 7.45
N ALA B 244 -17.76 10.50 8.71
CA ALA B 244 -16.40 10.21 9.09
C ALA B 244 -16.39 9.80 10.55
N ALA B 245 -15.43 8.97 10.92
CA ALA B 245 -15.33 8.50 12.29
C ALA B 245 -13.88 8.17 12.60
N ILE B 246 -13.30 8.88 13.56
CA ILE B 246 -11.91 8.68 13.97
C ILE B 246 -11.91 8.27 15.44
N THR B 247 -11.25 7.16 15.74
CA THR B 247 -11.16 6.65 17.10
C THR B 247 -9.78 6.98 17.66
N LEU B 248 -9.74 7.61 18.82
CA LEU B 248 -8.51 8.07 19.43
C LEU B 248 -8.36 7.50 20.84
N GLN B 249 -7.11 7.37 21.26
CA GLN B 249 -6.79 6.93 22.62
C GLN B 249 -6.09 8.06 23.36
N LYS B 250 -6.23 8.04 24.68
CA LYS B 250 -5.66 9.12 25.50
C LYS B 250 -4.14 9.02 25.59
N LYS B 251 -3.58 7.82 25.49
CA LYS B 251 -2.14 7.65 25.66
C LYS B 251 -1.35 8.14 24.47
N ASP B 252 -1.98 8.33 23.31
CA ASP B 252 -1.26 8.83 22.14
C ASP B 252 -0.97 10.32 22.25
N PHE B 253 -1.78 11.06 23.00
CA PHE B 253 -1.62 12.50 23.13
C PHE B 253 -1.04 12.84 24.49
N PRO B 254 0.14 13.45 24.56
CA PRO B 254 0.76 13.71 25.86
C PRO B 254 0.06 14.82 26.64
N GLY B 255 -0.51 15.81 25.98
CA GLY B 255 -1.22 16.86 26.67
C GLY B 255 -2.65 16.55 27.03
N GLU B 256 -3.13 15.36 26.64
CA GLU B 256 -4.53 14.94 26.78
C GLU B 256 -5.49 15.93 26.10
N GLN B 257 -5.07 16.45 24.96
CA GLN B 257 -5.91 17.31 24.13
C GLN B 257 -5.42 17.22 22.69
N PHE B 258 -6.28 17.62 21.76
CA PHE B 258 -5.94 17.56 20.35
C PHE B 258 -6.76 18.59 19.58
N PHE B 259 -6.33 18.85 18.35
CA PHE B 259 -7.03 19.72 17.43
C PHE B 259 -7.71 18.88 16.35
N VAL B 260 -8.94 19.24 16.02
CA VAL B 260 -9.71 18.54 14.98
C VAL B 260 -9.78 19.47 13.78
N VAL B 261 -8.96 19.21 12.77
CA VAL B 261 -8.82 20.12 11.64
C VAL B 261 -9.76 19.67 10.52
N PHE B 262 -10.54 20.60 10.00
CA PHE B 262 -11.46 20.35 8.89
C PHE B 262 -11.00 21.14 7.67
N VAL B 263 -10.61 20.43 6.62
CA VAL B 263 -10.09 21.03 5.40
C VAL B 263 -10.96 20.58 4.24
N ILE B 264 -11.45 21.53 3.45
CA ILE B 264 -12.27 21.25 2.28
C ILE B 264 -11.38 21.25 1.05
N LYS B 265 -11.44 20.19 0.27
CA LYS B 265 -10.64 20.10 -0.93
C LYS B 265 -11.24 20.94 -2.06
N PRO B 266 -10.41 21.49 -2.94
CA PRO B 266 -10.94 22.30 -4.04
C PRO B 266 -11.60 21.47 -5.14
N GLU B 267 -11.28 20.18 -5.24
CA GLU B 267 -11.84 19.32 -6.27
C GLU B 267 -12.25 17.99 -5.64
N ASP B 268 -13.18 17.30 -6.30
CA ASP B 268 -13.73 16.05 -5.82
C ASP B 268 -13.13 14.84 -6.49
N TYR B 269 -11.93 14.98 -7.08
CA TYR B 269 -11.31 13.84 -7.75
C TYR B 269 -10.79 12.81 -6.76
N ALA B 270 -10.30 13.25 -5.60
CA ALA B 270 -9.87 12.33 -4.56
C ALA B 270 -11.05 11.57 -3.96
N CYS B 271 -12.20 12.22 -3.88
CA CYS B 271 -13.43 11.57 -3.50
C CYS B 271 -14.09 11.01 -4.76
N GLY B 272 -15.35 10.57 -4.65
CA GLY B 272 -15.98 9.95 -5.78
C GLY B 272 -16.73 10.89 -6.70
N GLY B 273 -16.01 11.79 -7.36
CA GLY B 273 -16.68 12.75 -8.22
C GLY B 273 -15.71 13.54 -9.05
N SER B 274 -16.20 14.68 -9.55
CA SER B 274 -15.39 15.57 -10.38
C SER B 274 -15.87 16.99 -10.21
N PHE B 275 -14.98 17.93 -10.49
CA PHE B 275 -15.22 19.38 -10.47
C PHE B 275 -15.76 19.91 -9.15
N LEU B 287 -19.82 29.99 -6.66
CA LEU B 287 -18.45 30.48 -6.56
C LEU B 287 -17.68 29.71 -5.49
N GLN B 288 -18.19 29.72 -4.27
CA GLN B 288 -17.55 29.06 -3.15
C GLN B 288 -18.14 27.67 -2.93
N ARG B 289 -17.30 26.75 -2.50
CA ARG B 289 -17.72 25.38 -2.22
C ARG B 289 -17.93 25.19 -0.73
N LYS B 290 -18.94 25.91 -0.22
CA LYS B 290 -19.25 25.86 1.21
C LYS B 290 -19.84 24.52 1.58
N LYS B 291 -19.43 24.00 2.74
CA LYS B 291 -19.88 22.71 3.23
C LYS B 291 -20.37 22.87 4.66
N ASN B 292 -21.58 22.40 4.93
CA ASN B 292 -22.13 22.41 6.28
C ASN B 292 -21.82 21.09 6.96
N LEU B 293 -21.18 21.16 8.12
CA LEU B 293 -20.74 19.99 8.85
C LEU B 293 -21.36 19.98 10.24
N GLU B 294 -21.21 18.84 10.91
CA GLU B 294 -21.71 18.68 12.28
C GLU B 294 -20.83 17.66 12.96
N VAL B 295 -20.08 18.09 13.98
CA VAL B 295 -19.13 17.23 14.66
C VAL B 295 -19.66 16.93 16.07
N THR B 296 -19.65 15.66 16.44
CA THR B 296 -20.00 15.21 17.77
C THR B 296 -18.91 14.30 18.27
N ILE B 297 -18.45 14.53 19.50
CA ILE B 297 -17.42 13.71 20.12
C ILE B 297 -18.06 12.89 21.22
N VAL B 298 -18.01 11.58 21.09
CA VAL B 298 -18.65 10.67 22.04
C VAL B 298 -17.59 9.80 22.70
N PRO B 299 -17.74 9.46 23.98
CA PRO B 299 -16.80 8.52 24.59
C PRO B 299 -17.01 7.11 24.08
N SER B 300 -15.93 6.34 24.06
CA SER B 300 -16.00 4.96 23.60
C SER B 300 -16.52 4.06 24.72
N ILE B 301 -16.70 2.79 24.40
CA ILE B 301 -17.20 1.83 25.37
C ILE B 301 -16.08 1.45 26.34
N LYS B 302 -16.49 1.01 27.53
CA LYS B 302 -15.53 0.64 28.56
C LYS B 302 -14.97 -0.75 28.28
N GLU B 303 -14.05 -1.19 29.15
CA GLU B 303 -13.45 -2.51 29.00
C GLU B 303 -14.40 -3.63 29.42
N SER B 304 -15.47 -3.30 30.14
CA SER B 304 -16.44 -4.33 30.53
C SER B 304 -17.26 -4.81 29.33
N VAL B 305 -17.50 -3.92 28.35
CA VAL B 305 -18.22 -4.33 27.15
C VAL B 305 -17.36 -5.25 26.30
N TYR B 306 -16.03 -5.12 26.39
CA TYR B 306 -15.15 -6.02 25.66
C TYR B 306 -15.23 -7.44 26.20
N VAL B 307 -15.21 -7.60 27.53
CA VAL B 307 -15.24 -8.94 28.10
C VAL B 307 -16.65 -9.52 28.15
N LYS B 308 -17.68 -8.69 28.06
CA LYS B 308 -19.04 -9.20 27.98
C LYS B 308 -19.35 -9.73 26.59
N SER B 309 -18.88 -9.04 25.56
CA SER B 309 -19.13 -9.47 24.19
C SER B 309 -18.23 -10.63 23.78
N SER B 310 -17.06 -10.74 24.40
CA SER B 310 -16.18 -11.87 24.10
C SER B 310 -16.75 -13.17 24.67
N LEU B 311 -17.41 -13.09 25.82
CA LEU B 311 -18.03 -14.28 26.40
C LEU B 311 -19.29 -14.67 25.63
N PHE B 312 -19.99 -13.70 25.04
CA PHE B 312 -21.16 -14.02 24.23
C PHE B 312 -20.78 -14.75 22.96
N SER B 313 -19.63 -14.42 22.38
CA SER B 313 -19.19 -15.06 21.14
C SER B 313 -18.68 -16.48 21.37
N VAL B 314 -18.37 -16.84 22.61
CA VAL B 314 -17.87 -18.17 22.92
C VAL B 314 -18.97 -19.06 23.48
N PHE B 315 -19.73 -18.56 24.45
CA PHE B 315 -20.71 -19.38 25.14
C PHE B 315 -21.93 -19.71 24.27
N ILE B 316 -22.18 -18.92 23.22
CA ILE B 316 -23.25 -19.27 22.29
C ILE B 316 -22.86 -20.50 21.49
N PHE B 317 -21.63 -20.52 20.95
CA PHE B 317 -21.20 -21.64 20.14
C PHE B 317 -20.71 -22.82 20.96
N LEU B 318 -20.36 -22.61 22.23
CA LEU B 318 -20.10 -23.75 23.11
C LEU B 318 -21.38 -24.42 23.58
N SER B 319 -22.52 -23.73 23.48
CA SER B 319 -23.80 -24.39 23.69
C SER B 319 -24.14 -25.36 22.56
N PHE B 320 -23.57 -25.14 21.37
CA PHE B 320 -23.68 -26.13 20.30
C PHE B 320 -22.91 -27.39 20.61
N TYR B 321 -21.79 -27.25 21.32
CA TYR B 321 -21.04 -28.42 21.78
C TYR B 321 -21.82 -29.19 22.84
N LEU B 322 -22.68 -28.51 23.59
CA LEU B 322 -23.53 -29.18 24.57
C LEU B 322 -24.62 -30.01 23.90
N GLY B 323 -24.98 -29.70 22.66
CA GLY B 323 -25.98 -30.49 21.97
C GLY B 323 -25.51 -31.88 21.61
N CYS B 324 -24.25 -32.00 21.18
CA CYS B 324 -23.71 -33.32 20.84
C CYS B 324 -23.52 -34.18 22.09
N LEU B 325 -23.12 -33.57 23.20
CA LEU B 325 -22.99 -34.29 24.45
C LEU B 325 -24.33 -34.57 25.12
N LEU B 326 -25.41 -33.94 24.66
CA LEU B 326 -26.74 -34.26 25.18
C LEU B 326 -27.41 -35.35 24.36
N VAL B 327 -27.31 -35.30 23.03
CA VAL B 327 -27.87 -36.37 22.21
C VAL B 327 -27.00 -37.62 22.23
N GLY B 328 -25.73 -37.50 22.64
CA GLY B 328 -24.94 -38.70 22.89
C GLY B 328 -25.33 -39.41 24.16
N PHE B 329 -25.91 -38.68 25.11
CA PHE B 329 -26.44 -39.28 26.32
C PHE B 329 -27.77 -39.98 26.09
N VAL B 330 -28.47 -39.62 25.01
CA VAL B 330 -29.73 -40.30 24.68
C VAL B 330 -29.45 -41.73 24.22
N HIS B 331 -28.36 -41.93 23.47
CA HIS B 331 -27.98 -43.27 23.02
C HIS B 331 -27.57 -44.16 24.19
N TYR B 332 -26.99 -43.59 25.25
CA TYR B 332 -26.75 -44.36 26.46
C TYR B 332 -28.07 -44.72 27.15
N LEU B 333 -29.03 -43.81 27.11
CA LEU B 333 -30.36 -44.08 27.65
C LEU B 333 -31.25 -44.86 26.69
N ARG B 334 -30.85 -44.97 25.41
CA ARG B 334 -31.61 -45.77 24.46
C ARG B 334 -31.40 -47.26 24.70
N PHE B 335 -30.26 -47.64 25.29
CA PHE B 335 -29.98 -49.03 25.60
C PHE B 335 -30.84 -49.53 26.75
N LYS B 442 -6.98 -40.25 3.46
CA LYS B 442 -6.08 -39.79 4.49
C LYS B 442 -4.92 -38.99 3.90
N ILE B 443 -4.26 -39.57 2.89
CA ILE B 443 -3.18 -38.86 2.21
C ILE B 443 -3.73 -37.73 1.37
N TYR B 444 -4.84 -37.97 0.67
CA TYR B 444 -5.50 -36.89 -0.06
C TYR B 444 -6.19 -35.91 0.88
N PHE B 445 -6.59 -36.39 2.07
CA PHE B 445 -7.06 -35.49 3.11
C PHE B 445 -5.95 -34.58 3.60
N TRP B 446 -4.74 -35.13 3.77
CA TRP B 446 -3.61 -34.34 4.22
C TRP B 446 -3.07 -33.42 3.13
N ASN B 447 -3.39 -33.73 1.87
CA ASN B 447 -2.93 -32.90 0.72
C ASN B 447 -3.72 -31.60 0.67
N ILE B 448 -4.98 -31.62 1.09
CA ILE B 448 -5.84 -30.44 0.98
C ILE B 448 -5.61 -29.43 2.10
N ILE B 449 -4.91 -29.81 3.16
CA ILE B 449 -4.63 -28.87 4.24
C ILE B 449 -3.21 -28.30 4.17
N THR B 450 -2.31 -28.91 3.41
CA THR B 450 -1.03 -28.27 3.13
C THR B 450 -1.18 -27.18 2.07
N ILE B 451 -2.16 -27.34 1.19
CA ILE B 451 -2.44 -26.27 0.18
C ILE B 451 -3.08 -25.10 0.92
N ALA B 452 -3.96 -25.37 1.89
CA ALA B 452 -4.61 -24.31 2.64
C ALA B 452 -3.65 -23.58 3.57
N VAL B 453 -2.69 -24.29 4.15
CA VAL B 453 -1.69 -23.65 5.00
C VAL B 453 -0.74 -22.80 4.16
N PHE B 454 -0.37 -23.29 2.98
CA PHE B 454 0.62 -22.49 2.20
C PHE B 454 -0.13 -21.35 1.48
N TYR B 455 -1.44 -21.49 1.26
CA TYR B 455 -2.17 -20.35 0.71
C TYR B 455 -2.39 -19.27 1.75
N ALA B 456 -2.66 -19.67 2.99
CA ALA B 456 -2.96 -18.70 4.03
C ALA B 456 -1.73 -18.02 4.59
N LEU B 457 -0.53 -18.56 4.35
CA LEU B 457 0.69 -17.94 4.88
C LEU B 457 0.98 -16.55 4.33
N PRO B 458 0.95 -16.27 3.01
CA PRO B 458 1.25 -14.89 2.58
C PRO B 458 0.13 -13.90 2.83
N VAL B 459 -1.13 -14.34 2.96
CA VAL B 459 -2.20 -13.36 3.11
C VAL B 459 -2.29 -12.85 4.55
N ILE B 460 -1.77 -13.61 5.52
CA ILE B 460 -1.61 -13.04 6.86
C ILE B 460 -0.50 -12.00 6.85
N GLN B 461 0.60 -12.30 6.18
CA GLN B 461 1.70 -11.35 6.08
C GLN B 461 1.36 -10.17 5.19
N LEU B 462 0.39 -10.31 4.28
CA LEU B 462 -0.03 -9.19 3.46
C LEU B 462 -0.84 -8.17 4.27
N VAL B 463 -1.77 -8.66 5.09
CA VAL B 463 -2.65 -7.73 5.82
C VAL B 463 -2.04 -7.24 7.12
N ILE B 464 -1.00 -7.89 7.63
CA ILE B 464 -0.31 -7.37 8.81
C ILE B 464 0.49 -6.13 8.43
N THR B 465 1.15 -6.15 7.28
CA THR B 465 1.83 -4.96 6.79
C THR B 465 0.85 -3.86 6.40
N TYR B 466 -0.36 -4.24 5.98
CA TYR B 466 -1.40 -3.24 5.72
C TYR B 466 -1.84 -2.56 7.01
N GLN B 467 -1.90 -3.31 8.12
CA GLN B 467 -2.30 -2.72 9.38
C GLN B 467 -1.20 -1.84 9.96
N THR B 468 0.06 -2.26 9.84
CA THR B 468 1.15 -1.47 10.39
C THR B 468 1.43 -0.21 9.58
N VAL B 469 1.09 -0.22 8.29
CA VAL B 469 1.18 1.00 7.49
C VAL B 469 0.15 2.02 7.97
N VAL B 470 -1.05 1.55 8.31
CA VAL B 470 -2.10 2.44 8.81
C VAL B 470 -1.74 2.98 10.19
N ASN B 471 -1.12 2.16 11.04
CA ASN B 471 -0.86 2.55 12.42
C ASN B 471 0.25 3.60 12.52
N VAL B 472 1.36 3.40 11.81
CA VAL B 472 2.46 4.35 11.92
C VAL B 472 2.26 5.59 11.06
N THR B 473 1.34 5.57 10.11
CA THR B 473 0.94 6.77 9.39
C THR B 473 -0.41 7.25 9.92
N GLY B 474 -0.99 8.23 9.26
CA GLY B 474 -2.31 8.68 9.63
C GLY B 474 -3.34 8.31 8.60
N ASN B 475 -2.91 7.58 7.57
CA ASN B 475 -3.76 7.27 6.43
C ASN B 475 -4.77 6.20 6.83
N GLN B 476 -5.98 6.63 7.15
CA GLN B 476 -7.08 5.72 7.44
C GLN B 476 -7.94 5.47 6.22
N ASP B 477 -7.47 5.84 5.03
CA ASP B 477 -8.17 5.58 3.79
C ASP B 477 -7.75 4.27 3.13
N ILE B 478 -6.86 3.51 3.74
CA ILE B 478 -6.40 2.26 3.16
C ILE B 478 -7.34 1.11 3.48
N CYS B 479 -7.69 0.93 4.76
CA CYS B 479 -8.58 -0.13 5.17
C CYS B 479 -10.03 0.35 5.13
N TYR B 480 -10.90 -0.50 4.62
CA TYR B 480 -12.31 -0.15 4.43
C TYR B 480 -13.15 -0.69 5.59
N TYR B 481 -12.90 -0.16 6.77
CA TYR B 481 -13.60 -0.62 7.97
C TYR B 481 -15.02 -0.07 7.99
N ASN B 482 -15.81 -0.60 8.92
CA ASN B 482 -17.03 0.05 9.37
C ASN B 482 -16.64 0.88 10.59
N PHE B 483 -16.32 2.15 10.34
CA PHE B 483 -15.66 2.97 11.35
C PHE B 483 -16.57 3.36 12.51
N LEU B 484 -17.88 3.29 12.32
CA LEU B 484 -18.80 3.56 13.42
C LEU B 484 -18.87 2.40 14.40
N CYS B 485 -18.47 1.21 13.99
CA CYS B 485 -18.46 0.02 14.85
C CYS B 485 -17.14 -0.73 14.70
N ALA B 486 -16.04 0.01 14.73
CA ALA B 486 -14.71 -0.56 14.71
C ALA B 486 -14.10 -0.35 16.10
N HIS B 487 -13.98 -1.42 16.87
CA HIS B 487 -13.46 -1.34 18.22
C HIS B 487 -12.06 -1.92 18.26
N PRO B 488 -11.05 -1.12 18.56
CA PRO B 488 -9.67 -1.62 18.51
C PRO B 488 -9.31 -2.46 19.72
N LEU B 489 -8.28 -3.28 19.53
CA LEU B 489 -7.67 -4.05 20.62
C LEU B 489 -6.19 -4.23 20.28
N GLY B 490 -5.35 -3.38 20.84
CA GLY B 490 -3.93 -3.43 20.55
C GLY B 490 -3.60 -3.04 19.13
N VAL B 491 -2.96 -3.95 18.39
CA VAL B 491 -2.59 -3.66 17.01
C VAL B 491 -3.81 -3.63 16.11
N LEU B 492 -4.78 -4.51 16.37
CA LEU B 492 -5.96 -4.60 15.52
C LEU B 492 -6.86 -3.38 15.72
N SER B 493 -7.33 -2.83 14.60
CA SER B 493 -8.19 -1.66 14.65
C SER B 493 -9.66 -2.02 14.74
N ALA B 494 -10.05 -3.21 14.26
CA ALA B 494 -11.44 -3.68 14.31
C ALA B 494 -11.41 -5.08 14.90
N PHE B 495 -11.45 -5.15 16.23
CA PHE B 495 -11.38 -6.45 16.89
C PHE B 495 -12.69 -7.22 16.78
N ASN B 496 -13.82 -6.51 16.67
CA ASN B 496 -15.11 -7.19 16.59
C ASN B 496 -15.29 -7.93 15.27
N ASN B 497 -14.61 -7.47 14.22
CA ASN B 497 -14.69 -8.20 12.95
C ASN B 497 -13.82 -9.46 12.97
N ILE B 498 -12.86 -9.52 13.88
CA ILE B 498 -12.06 -10.74 14.02
C ILE B 498 -12.74 -11.71 14.99
N LEU B 499 -13.44 -11.18 16.00
CA LEU B 499 -13.99 -12.02 17.05
C LEU B 499 -15.20 -12.81 16.54
N SER B 500 -15.97 -12.24 15.62
CA SER B 500 -17.15 -12.93 15.13
C SER B 500 -16.81 -14.11 14.22
N ASN B 501 -15.58 -14.15 13.68
CA ASN B 501 -15.15 -15.30 12.91
C ASN B 501 -14.64 -16.43 13.78
N LEU B 502 -14.46 -16.21 15.08
CA LEU B 502 -14.01 -17.26 15.98
C LEU B 502 -15.06 -18.36 16.11
N GLY B 503 -16.33 -17.99 16.19
CA GLY B 503 -17.38 -18.98 16.20
C GLY B 503 -17.56 -19.68 14.88
N HIS B 504 -17.14 -19.04 13.78
CA HIS B 504 -17.19 -19.68 12.47
C HIS B 504 -16.13 -20.77 12.36
N VAL B 505 -14.97 -20.55 12.96
CA VAL B 505 -13.92 -21.56 12.98
C VAL B 505 -14.28 -22.69 13.94
N LEU B 506 -14.68 -22.31 15.16
CA LEU B 506 -14.96 -23.33 16.22
C LEU B 506 -16.09 -24.26 15.78
N LEU B 507 -17.14 -23.72 15.18
CA LEU B 507 -18.29 -24.57 14.86
C LEU B 507 -17.93 -25.62 13.84
N GLY B 508 -16.90 -25.38 13.03
CA GLY B 508 -16.44 -26.40 12.11
C GLY B 508 -15.73 -27.55 12.79
N PHE B 509 -15.17 -27.31 13.97
CA PHE B 509 -14.55 -28.37 14.75
C PHE B 509 -15.60 -29.31 15.32
N LEU B 510 -16.80 -28.79 15.62
CA LEU B 510 -17.90 -29.65 16.04
C LEU B 510 -18.37 -30.53 14.89
N PHE B 511 -18.45 -29.98 13.68
CA PHE B 511 -18.86 -30.77 12.53
C PHE B 511 -17.81 -31.81 12.15
N LEU B 512 -16.53 -31.48 12.33
CA LEU B 512 -15.49 -32.48 12.12
C LEU B 512 -15.51 -33.56 13.20
N LEU B 513 -15.94 -33.18 14.40
CA LEU B 513 -16.06 -34.17 15.50
C LEU B 513 -17.26 -35.07 15.22
N ILE B 514 -18.34 -34.51 14.67
CA ILE B 514 -19.55 -35.29 14.41
C ILE B 514 -19.30 -36.35 13.35
N VAL B 515 -18.62 -35.98 12.27
CA VAL B 515 -18.34 -36.93 11.20
C VAL B 515 -17.26 -37.93 11.61
N LEU B 516 -16.43 -37.55 12.59
CA LEU B 516 -15.44 -38.52 13.12
C LEU B 516 -16.21 -39.59 13.89
N ARG B 517 -17.18 -39.18 14.70
CA ARG B 517 -17.96 -40.13 15.48
C ARG B 517 -18.76 -41.07 14.57
N ARG B 518 -19.26 -40.55 13.45
CA ARG B 518 -19.98 -41.38 12.50
C ARG B 518 -19.05 -42.34 11.77
N ASP B 519 -17.83 -41.90 11.47
CA ASP B 519 -16.89 -42.76 10.74
C ASP B 519 -16.36 -43.89 11.62
N ILE B 520 -16.10 -43.60 12.90
CA ILE B 520 -15.59 -44.62 13.80
C ILE B 520 -16.67 -45.66 14.11
N LEU B 521 -17.90 -45.21 14.34
CA LEU B 521 -18.99 -46.13 14.64
C LEU B 521 -19.36 -46.97 13.43
N HIS B 522 -19.22 -46.43 12.22
CA HIS B 522 -19.41 -47.23 11.02
C HIS B 522 -18.28 -48.22 10.84
N ARG B 523 -17.05 -47.82 11.16
CA ARG B 523 -15.92 -48.74 11.07
C ARG B 523 -15.96 -49.78 12.18
N ARG B 524 -16.48 -49.42 13.36
CA ARG B 524 -16.66 -50.40 14.42
C ARG B 524 -17.74 -51.42 14.07
N ALA B 525 -18.83 -50.97 13.45
CA ALA B 525 -19.87 -51.88 13.00
C ALA B 525 -19.43 -52.69 11.79
N LEU B 526 -18.47 -52.19 11.02
CA LEU B 526 -17.93 -52.97 9.90
C LEU B 526 -17.09 -54.14 10.39
N GLU B 527 -16.43 -53.98 11.56
CA GLU B 527 -15.67 -55.08 12.13
C GLU B 527 -16.60 -56.17 12.67
N ALA B 528 -17.73 -55.78 13.25
CA ALA B 528 -18.68 -56.74 13.80
C ALA B 528 -19.74 -57.10 12.78
N HIS B 541 -17.84 -40.80 0.60
CA HIS B 541 -19.05 -40.40 1.31
C HIS B 541 -18.69 -39.75 2.64
N PHE B 542 -17.80 -40.37 3.39
CA PHE B 542 -17.24 -39.76 4.59
C PHE B 542 -15.94 -39.03 4.31
N GLY B 543 -15.50 -39.00 3.05
CA GLY B 543 -14.26 -38.33 2.70
C GLY B 543 -14.47 -36.86 2.36
N LEU B 544 -15.48 -36.57 1.54
CA LEU B 544 -15.77 -35.18 1.21
C LEU B 544 -16.43 -34.45 2.38
N PHE B 545 -17.00 -35.18 3.34
CA PHE B 545 -17.54 -34.54 4.53
C PHE B 545 -16.44 -33.99 5.42
N TYR B 546 -15.27 -34.64 5.43
CA TYR B 546 -14.11 -34.07 6.10
C TYR B 546 -13.65 -32.80 5.39
N ALA B 547 -13.65 -32.80 4.06
CA ALA B 547 -13.26 -31.62 3.32
C ALA B 547 -14.31 -30.53 3.39
N MET B 548 -15.57 -30.90 3.61
CA MET B 548 -16.62 -29.90 3.80
C MET B 548 -16.48 -29.19 5.14
N GLY B 549 -16.06 -29.91 6.17
CA GLY B 549 -15.80 -29.28 7.46
C GLY B 549 -14.47 -28.55 7.51
N ILE B 550 -13.52 -28.95 6.67
CA ILE B 550 -12.24 -28.25 6.60
C ILE B 550 -12.42 -26.87 5.98
N ALA B 551 -13.23 -26.78 4.93
CA ALA B 551 -13.52 -25.51 4.29
C ALA B 551 -14.33 -24.58 5.20
N LEU B 552 -15.03 -25.14 6.19
CA LEU B 552 -15.68 -24.30 7.19
C LEU B 552 -14.65 -23.62 8.10
N MET B 553 -13.56 -24.33 8.42
CA MET B 553 -12.49 -23.73 9.21
C MET B 553 -11.76 -22.64 8.43
N MET B 554 -11.34 -22.96 7.20
CA MET B 554 -10.39 -22.10 6.50
C MET B 554 -11.04 -20.83 5.99
N GLU B 555 -12.35 -20.87 5.69
CA GLU B 555 -13.01 -19.66 5.25
C GLU B 555 -13.26 -18.72 6.43
N GLY B 556 -13.53 -19.29 7.61
CA GLY B 556 -13.57 -18.50 8.81
C GLY B 556 -12.20 -17.93 9.18
N VAL B 557 -11.14 -18.68 8.87
CA VAL B 557 -9.79 -18.15 9.04
C VAL B 557 -9.53 -17.04 8.03
N LEU B 558 -9.90 -17.27 6.76
CA LEU B 558 -9.59 -16.30 5.71
C LEU B 558 -10.46 -15.06 5.82
N SER B 559 -11.66 -15.18 6.41
CA SER B 559 -12.45 -13.98 6.68
C SER B 559 -11.84 -13.17 7.80
N ALA B 560 -11.13 -13.82 8.73
CA ALA B 560 -10.50 -13.08 9.82
C ALA B 560 -9.32 -12.27 9.33
N CYS B 561 -8.48 -12.85 8.46
CA CYS B 561 -7.36 -12.07 7.91
C CYS B 561 -7.84 -11.04 6.90
N TYR B 562 -8.99 -11.27 6.27
CA TYR B 562 -9.56 -10.24 5.41
C TYR B 562 -10.03 -9.04 6.23
N HIS B 563 -10.53 -9.29 7.43
CA HIS B 563 -11.10 -8.22 8.25
C HIS B 563 -10.06 -7.55 9.14
N VAL B 564 -8.80 -7.93 9.05
CA VAL B 564 -7.74 -7.13 9.66
C VAL B 564 -7.62 -5.80 8.93
N CYS B 565 -7.62 -5.83 7.60
CA CYS B 565 -7.64 -4.61 6.79
C CYS B 565 -8.35 -4.95 5.48
N PRO B 566 -9.66 -4.76 5.41
CA PRO B 566 -10.39 -5.02 4.17
C PRO B 566 -10.01 -4.02 3.09
N ASN B 567 -9.86 -4.53 1.88
CA ASN B 567 -9.36 -3.73 0.77
C ASN B 567 -9.82 -4.41 -0.51
N TYR B 568 -9.59 -3.74 -1.64
CA TYR B 568 -9.88 -4.35 -2.93
C TYR B 568 -8.92 -5.51 -3.21
N SER B 569 -7.67 -5.38 -2.81
CA SER B 569 -6.68 -6.41 -3.09
C SER B 569 -6.87 -7.65 -2.24
N ASN B 570 -7.32 -7.50 -0.99
CA ASN B 570 -7.47 -8.64 -0.10
C ASN B 570 -8.70 -9.49 -0.43
N PHE B 571 -9.68 -8.93 -1.14
CA PHE B 571 -10.85 -9.71 -1.50
C PHE B 571 -10.56 -10.70 -2.62
N GLN B 572 -9.55 -10.44 -3.44
CA GLN B 572 -9.18 -11.36 -4.51
C GLN B 572 -8.37 -12.56 -4.04
N PHE B 573 -8.23 -12.71 -2.73
CA PHE B 573 -7.43 -13.84 -2.17
C PHE B 573 -8.35 -14.80 -1.40
N ASP B 574 -9.25 -14.26 -0.58
CA ASP B 574 -10.09 -15.13 0.25
C ASP B 574 -11.21 -15.79 -0.54
N THR B 575 -11.47 -15.29 -1.75
CA THR B 575 -12.53 -15.88 -2.62
C THR B 575 -11.87 -16.78 -3.66
N SER B 576 -10.69 -16.39 -4.16
CA SER B 576 -9.97 -17.20 -5.18
C SER B 576 -9.63 -18.58 -4.60
N PHE B 577 -9.26 -18.63 -3.31
CA PHE B 577 -8.93 -19.92 -2.66
C PHE B 577 -10.16 -20.84 -2.70
N MET B 578 -11.32 -20.29 -2.33
CA MET B 578 -12.58 -21.10 -2.33
C MET B 578 -12.88 -21.55 -3.76
N TYR B 579 -12.65 -20.69 -4.75
CA TYR B 579 -12.87 -21.05 -6.17
C TYR B 579 -11.96 -22.22 -6.52
N MET B 580 -10.70 -22.16 -6.05
CA MET B 580 -9.72 -23.26 -6.32
C MET B 580 -10.25 -24.56 -5.71
N ILE B 581 -10.79 -24.49 -4.49
CA ILE B 581 -11.34 -25.70 -3.82
C ILE B 581 -12.44 -26.28 -4.70
N ALA B 582 -13.34 -25.43 -5.20
CA ALA B 582 -14.44 -25.91 -6.07
C ALA B 582 -13.85 -26.58 -7.31
N GLY B 583 -12.82 -25.98 -7.91
CA GLY B 583 -12.16 -26.59 -9.08
C GLY B 583 -11.66 -27.99 -8.78
N LEU B 584 -10.93 -28.15 -7.68
CA LEU B 584 -10.35 -29.47 -7.33
C LEU B 584 -11.48 -30.46 -7.04
N CYS B 585 -12.59 -29.97 -6.47
CA CYS B 585 -13.74 -30.85 -6.17
C CYS B 585 -14.30 -31.39 -7.48
N MET B 586 -14.34 -30.56 -8.52
CA MET B 586 -14.86 -30.99 -9.84
C MET B 586 -13.95 -32.09 -10.40
N LEU B 587 -12.64 -31.98 -10.17
CA LEU B 587 -11.69 -33.03 -10.64
C LEU B 587 -12.10 -34.37 -10.02
N LYS B 588 -12.38 -34.38 -8.72
CA LYS B 588 -12.83 -35.63 -8.04
C LYS B 588 -14.14 -36.10 -8.67
N LEU B 589 -15.04 -35.18 -8.96
CA LEU B 589 -16.32 -35.54 -9.64
C LEU B 589 -16.01 -36.16 -11.00
N TYR B 590 -15.23 -35.47 -11.83
CA TYR B 590 -14.86 -35.99 -13.14
C TYR B 590 -14.25 -37.39 -13.02
N GLN B 591 -13.57 -37.67 -11.91
CA GLN B 591 -12.97 -38.98 -11.70
C GLN B 591 -14.03 -40.05 -11.44
N THR B 592 -15.16 -39.66 -10.82
CA THR B 592 -16.26 -40.54 -10.41
C THR B 592 -15.82 -41.72 -9.56
N TYR B 605 -18.52 -29.30 -19.46
CA TYR B 605 -17.66 -28.69 -18.44
C TYR B 605 -17.28 -27.28 -18.82
N ALA B 606 -17.49 -26.93 -20.09
CA ALA B 606 -17.00 -25.66 -20.61
C ALA B 606 -17.85 -24.47 -20.16
N SER B 607 -19.14 -24.67 -19.87
CA SER B 607 -20.02 -23.55 -19.58
C SER B 607 -19.69 -22.94 -18.22
N PHE B 608 -19.13 -23.76 -17.32
CA PHE B 608 -18.70 -23.25 -16.00
C PHE B 608 -17.37 -22.52 -16.18
N ALA B 609 -16.59 -22.89 -17.21
CA ALA B 609 -15.28 -22.29 -17.41
C ALA B 609 -15.36 -20.90 -18.01
N VAL B 610 -16.35 -20.64 -18.88
CA VAL B 610 -16.53 -19.28 -19.41
C VAL B 610 -17.02 -18.35 -18.30
N VAL B 611 -17.79 -18.88 -17.35
CA VAL B 611 -18.32 -18.09 -16.23
C VAL B 611 -17.20 -17.50 -15.39
N ILE B 612 -16.17 -18.32 -15.14
CA ILE B 612 -14.99 -17.84 -14.36
C ILE B 612 -14.21 -16.81 -15.20
N MET B 613 -14.24 -16.95 -16.53
CA MET B 613 -13.48 -16.05 -17.39
C MET B 613 -14.26 -14.82 -17.84
N VAL B 614 -15.60 -14.85 -17.82
CA VAL B 614 -16.37 -13.66 -18.15
C VAL B 614 -16.25 -12.63 -17.02
N THR B 615 -16.27 -13.09 -15.77
CA THR B 615 -16.30 -12.17 -14.63
C THR B 615 -14.99 -11.42 -14.43
N VAL B 616 -13.88 -11.92 -14.96
CA VAL B 616 -12.64 -11.15 -14.89
C VAL B 616 -12.55 -10.14 -16.00
N LEU B 617 -13.38 -10.27 -17.05
CA LEU B 617 -13.46 -9.22 -18.07
C LEU B 617 -14.26 -8.02 -17.57
N GLY B 618 -15.17 -8.23 -16.63
CA GLY B 618 -15.88 -7.12 -16.01
C GLY B 618 -15.02 -6.27 -15.12
N VAL B 619 -13.90 -6.82 -14.63
CA VAL B 619 -12.90 -6.01 -13.95
C VAL B 619 -12.29 -4.99 -14.91
N VAL B 620 -12.00 -5.43 -16.13
CA VAL B 620 -11.52 -4.51 -17.17
C VAL B 620 -12.64 -3.57 -17.59
N PHE B 621 -13.83 -4.10 -17.84
CA PHE B 621 -14.97 -3.28 -18.22
C PHE B 621 -16.27 -3.86 -17.66
N VAL B 626 -22.57 -2.61 -23.34
CA VAL B 626 -23.95 -3.06 -23.38
C VAL B 626 -24.01 -4.51 -23.86
N TRP B 627 -23.13 -4.84 -24.80
CA TRP B 627 -23.07 -6.20 -25.32
C TRP B 627 -22.45 -7.17 -24.32
N PHE B 628 -21.57 -6.68 -23.46
CA PHE B 628 -20.94 -7.55 -22.48
C PHE B 628 -21.89 -7.90 -21.33
N TRP B 629 -22.67 -6.94 -20.86
CA TRP B 629 -23.47 -7.15 -19.66
C TRP B 629 -24.74 -7.96 -19.92
N VAL B 630 -25.20 -8.03 -21.18
CA VAL B 630 -26.38 -8.84 -21.46
C VAL B 630 -26.04 -10.33 -21.51
N ILE B 631 -24.78 -10.68 -21.71
CA ILE B 631 -24.35 -12.08 -21.63
C ILE B 631 -23.63 -12.38 -20.32
N PHE B 632 -23.30 -11.37 -19.53
CA PHE B 632 -22.70 -11.59 -18.21
C PHE B 632 -23.69 -12.27 -17.28
N SER B 633 -24.94 -11.82 -17.28
CA SER B 633 -25.98 -12.46 -16.48
C SER B 633 -26.66 -13.61 -17.19
N ALA B 634 -26.52 -13.71 -18.52
CA ALA B 634 -27.16 -14.79 -19.26
C ALA B 634 -26.44 -16.11 -19.05
N ILE B 635 -25.11 -16.08 -19.00
CA ILE B 635 -24.35 -17.31 -18.77
C ILE B 635 -24.38 -17.71 -17.30
N HIS B 636 -24.70 -16.79 -16.39
CA HIS B 636 -24.77 -17.13 -14.98
C HIS B 636 -26.05 -17.89 -14.64
N VAL B 637 -27.17 -17.52 -15.27
CA VAL B 637 -28.42 -18.25 -15.07
C VAL B 637 -28.33 -19.63 -15.72
N LEU B 638 -27.69 -19.70 -16.90
CA LEU B 638 -27.53 -20.98 -17.58
C LEU B 638 -26.62 -21.92 -16.80
N ALA B 639 -25.55 -21.39 -16.21
CA ALA B 639 -24.66 -22.22 -15.39
C ALA B 639 -25.34 -22.63 -14.09
N SER B 640 -26.23 -21.79 -13.55
CA SER B 640 -27.00 -22.18 -12.38
C SER B 640 -27.97 -23.31 -12.72
N LEU B 641 -28.51 -23.30 -13.95
CA LEU B 641 -29.30 -24.42 -14.42
C LEU B 641 -28.41 -25.61 -14.76
N ALA B 642 -27.14 -25.35 -15.09
CA ALA B 642 -26.23 -26.44 -15.45
C ALA B 642 -25.54 -27.03 -14.23
N LEU B 643 -25.81 -26.49 -13.04
CA LEU B 643 -25.37 -27.16 -11.81
C LEU B 643 -26.45 -28.08 -11.27
N SER B 644 -27.72 -27.67 -11.38
CA SER B 644 -28.80 -28.41 -10.76
C SER B 644 -29.11 -29.72 -11.49
N THR B 645 -28.92 -29.75 -12.81
CA THR B 645 -29.31 -30.93 -13.58
C THR B 645 -28.34 -32.09 -13.38
N GLN B 646 -27.04 -31.79 -13.22
CA GLN B 646 -26.06 -32.84 -13.02
C GLN B 646 -26.16 -33.47 -11.64
N ILE B 647 -26.52 -32.68 -10.61
CA ILE B 647 -26.79 -33.25 -9.29
C ILE B 647 -28.07 -34.08 -9.33
N TYR B 648 -29.04 -33.69 -10.16
CA TYR B 648 -30.27 -34.46 -10.33
C TYR B 648 -30.00 -35.82 -10.97
N TYR B 649 -28.98 -35.90 -11.83
CA TYR B 649 -28.63 -37.16 -12.46
C TYR B 649 -27.77 -38.06 -11.58
N MET B 650 -27.30 -37.56 -10.44
CA MET B 650 -26.52 -38.38 -9.51
C MET B 650 -27.38 -39.04 -8.44
N GLY B 651 -28.70 -38.86 -8.48
CA GLY B 651 -29.58 -39.43 -7.49
C GLY B 651 -30.13 -40.80 -7.87
N ASP B 708 -20.83 -8.68 -6.34
CA ASP B 708 -19.54 -9.25 -6.73
C ASP B 708 -19.70 -10.69 -7.19
N PHE B 709 -18.62 -11.25 -7.75
CA PHE B 709 -18.66 -12.62 -8.27
C PHE B 709 -18.70 -13.67 -7.18
N ALA B 710 -18.25 -13.34 -5.96
CA ALA B 710 -18.41 -14.28 -4.85
C ALA B 710 -19.86 -14.33 -4.38
N SER B 711 -20.58 -13.21 -4.51
CA SER B 711 -22.00 -13.21 -4.18
C SER B 711 -22.81 -13.95 -5.22
N TYR B 712 -22.35 -13.99 -6.47
CA TYR B 712 -23.01 -14.77 -7.49
C TYR B 712 -22.83 -16.26 -7.26
N MET B 713 -21.68 -16.67 -6.72
CA MET B 713 -21.53 -18.04 -6.22
C MET B 713 -22.45 -18.27 -5.03
N LEU B 714 -22.54 -17.30 -4.13
CA LEU B 714 -23.49 -17.37 -3.02
C LEU B 714 -24.93 -17.24 -3.49
N GLY B 715 -25.15 -16.63 -4.66
CA GLY B 715 -26.50 -16.61 -5.23
C GLY B 715 -26.98 -18.00 -5.62
N ILE B 716 -26.11 -18.81 -6.21
CA ILE B 716 -26.49 -20.18 -6.53
C ILE B 716 -26.32 -21.13 -5.35
N PHE B 717 -25.58 -20.71 -4.31
CA PHE B 717 -25.44 -21.55 -3.12
C PHE B 717 -26.76 -21.66 -2.37
N ILE B 718 -27.59 -20.61 -2.42
CA ILE B 718 -28.90 -20.65 -1.81
C ILE B 718 -29.92 -21.25 -2.78
N CYS B 719 -29.87 -20.85 -4.05
CA CYS B 719 -30.94 -21.18 -4.98
C CYS B 719 -30.92 -22.64 -5.40
N ASN B 720 -29.74 -23.19 -5.72
CA ASN B 720 -29.73 -24.56 -6.23
C ASN B 720 -29.91 -25.58 -5.11
N LEU B 721 -29.38 -25.28 -3.92
CA LEU B 721 -29.47 -26.21 -2.80
C LEU B 721 -30.84 -26.23 -2.18
N LEU B 722 -31.63 -25.17 -2.37
CA LEU B 722 -33.02 -25.16 -1.92
C LEU B 722 -33.85 -26.20 -2.66
N LEU B 723 -33.65 -26.30 -3.98
CA LEU B 723 -34.32 -27.34 -4.75
C LEU B 723 -33.65 -28.70 -4.56
N TYR B 724 -32.32 -28.70 -4.37
CA TYR B 724 -31.57 -29.95 -4.25
C TYR B 724 -31.88 -30.65 -2.93
N LEU B 725 -32.14 -29.87 -1.87
CA LEU B 725 -32.64 -30.48 -0.64
C LEU B 725 -34.09 -30.90 -0.81
N ALA B 726 -34.88 -30.11 -1.55
CA ALA B 726 -36.29 -30.41 -1.76
C ALA B 726 -36.52 -31.55 -2.74
N PHE B 727 -35.49 -32.03 -3.42
CA PHE B 727 -35.68 -33.11 -4.38
C PHE B 727 -35.91 -34.44 -3.69
N TYR B 728 -35.20 -34.71 -2.58
CA TYR B 728 -35.42 -35.95 -1.85
C TYR B 728 -36.48 -35.86 -0.75
N ILE B 729 -37.01 -34.67 -0.45
CA ILE B 729 -38.16 -34.62 0.43
C ILE B 729 -39.40 -35.14 -0.29
N ILE B 730 -39.59 -34.75 -1.55
CA ILE B 730 -40.71 -35.26 -2.32
C ILE B 730 -40.45 -36.67 -2.85
N MET B 731 -39.19 -37.06 -3.02
CA MET B 731 -38.90 -38.41 -3.49
C MET B 731 -39.12 -39.43 -2.38
N LYS B 732 -38.72 -39.11 -1.15
CA LYS B 732 -38.93 -40.02 -0.04
C LYS B 732 -40.39 -40.07 0.38
N LEU B 733 -41.13 -38.97 0.19
CA LEU B 733 -42.55 -38.98 0.51
C LEU B 733 -43.34 -39.82 -0.49
N ARG B 734 -42.96 -39.76 -1.77
CA ARG B 734 -43.64 -40.56 -2.78
C ARG B 734 -43.28 -42.04 -2.66
N SER B 735 -42.02 -42.33 -2.32
CA SER B 735 -41.58 -43.69 -2.14
C SER B 735 -41.85 -44.14 -0.70
N SER B 736 -41.39 -45.34 -0.35
CA SER B 736 -41.61 -45.90 0.98
C SER B 736 -40.45 -45.49 1.87
N GLU B 737 -40.50 -44.24 2.34
CA GLU B 737 -39.48 -43.72 3.24
C GLU B 737 -40.11 -42.65 4.12
N LYS B 738 -39.62 -42.53 5.35
CA LYS B 738 -40.13 -41.57 6.32
C LYS B 738 -39.00 -40.72 6.85
N VAL B 739 -39.29 -39.45 7.12
CA VAL B 739 -38.28 -38.52 7.62
C VAL B 739 -38.24 -38.60 9.14
N LEU B 740 -37.07 -38.92 9.67
CA LEU B 740 -36.85 -38.99 11.10
C LEU B 740 -36.88 -37.60 11.72
N PRO B 741 -37.22 -37.48 13.01
CA PRO B 741 -37.30 -36.14 13.61
C PRO B 741 -35.97 -35.41 13.74
N VAL B 742 -34.86 -36.15 13.85
CA VAL B 742 -33.55 -35.50 13.95
C VAL B 742 -33.15 -34.77 12.66
N PRO B 743 -33.32 -35.34 11.45
CA PRO B 743 -33.19 -34.48 10.26
C PRO B 743 -34.25 -33.39 10.17
N LEU B 744 -35.47 -33.67 10.62
CA LEU B 744 -36.62 -32.77 10.47
C LEU B 744 -36.40 -31.44 11.20
N PHE B 745 -35.81 -31.50 12.39
CA PHE B 745 -35.45 -30.28 13.09
C PHE B 745 -34.32 -29.55 12.37
N CYS B 746 -33.40 -30.30 11.75
CA CYS B 746 -32.28 -29.67 11.05
C CYS B 746 -32.71 -29.05 9.72
N ILE B 747 -33.74 -29.60 9.07
CA ILE B 747 -34.23 -29.01 7.82
C ILE B 747 -34.92 -27.68 8.11
N VAL B 748 -35.77 -27.64 9.13
CA VAL B 748 -36.51 -26.41 9.41
C VAL B 748 -35.60 -25.36 10.03
N ALA B 749 -34.51 -25.78 10.68
CA ALA B 749 -33.56 -24.81 11.21
C ALA B 749 -32.69 -24.21 10.11
N THR B 750 -32.40 -24.99 9.06
CA THR B 750 -31.61 -24.49 7.95
C THR B 750 -32.39 -23.44 7.16
N ALA B 751 -33.70 -23.63 7.01
CA ALA B 751 -34.51 -22.69 6.24
C ALA B 751 -34.68 -21.36 6.97
N VAL B 752 -34.84 -21.40 8.30
CA VAL B 752 -35.06 -20.16 9.04
C VAL B 752 -33.74 -19.41 9.25
N MET B 753 -32.62 -20.15 9.31
CA MET B 753 -31.33 -19.49 9.51
C MET B 753 -30.85 -18.83 8.22
N TRP B 754 -31.10 -19.46 7.08
CA TRP B 754 -30.71 -18.83 5.82
C TRP B 754 -31.61 -17.67 5.46
N ALA B 755 -32.85 -17.68 5.94
CA ALA B 755 -33.71 -16.51 5.75
C ALA B 755 -33.22 -15.35 6.59
N ALA B 756 -32.75 -15.62 7.81
CA ALA B 756 -32.25 -14.55 8.68
C ALA B 756 -30.88 -14.07 8.24
N ALA B 757 -30.01 -15.00 7.80
CA ALA B 757 -28.64 -14.61 7.45
C ALA B 757 -28.59 -13.81 6.15
N LEU B 758 -29.45 -14.14 5.18
CA LEU B 758 -29.45 -13.39 3.92
C LEU B 758 -29.97 -11.98 4.07
N TYR B 759 -30.77 -11.71 5.10
CA TYR B 759 -31.18 -10.34 5.37
C TYR B 759 -29.99 -9.49 5.82
N PHE B 760 -29.16 -10.05 6.70
CA PHE B 760 -27.99 -9.32 7.18
C PHE B 760 -26.86 -9.29 6.17
N PHE B 761 -26.90 -10.16 5.17
CA PHE B 761 -25.87 -10.13 4.12
C PHE B 761 -26.04 -8.93 3.20
N PHE B 762 -27.28 -8.52 2.94
CA PHE B 762 -27.53 -7.42 2.02
C PHE B 762 -27.41 -6.06 2.68
N GLN B 763 -27.27 -5.99 4.00
CA GLN B 763 -27.00 -4.73 4.68
C GLN B 763 -25.51 -4.43 4.57
N ASN B 764 -25.12 -3.90 3.42
CA ASN B 764 -23.72 -3.57 3.18
C ASN B 764 -23.36 -2.29 3.92
N LEU B 765 -22.36 -2.38 4.80
CA LEU B 765 -21.92 -1.23 5.57
C LEU B 765 -20.63 -0.62 5.03
N SER B 766 -19.96 -1.28 4.10
CA SER B 766 -18.76 -0.75 3.48
C SER B 766 -18.65 -1.35 2.08
N SER B 767 -17.88 -0.68 1.23
CA SER B 767 -17.71 -1.12 -0.14
C SER B 767 -16.40 -0.59 -0.68
N TRP B 768 -15.53 -1.50 -1.11
CA TRP B 768 -14.28 -1.11 -1.74
C TRP B 768 -14.43 -0.82 -3.23
N GLU B 769 -15.64 -0.95 -3.76
CA GLU B 769 -15.88 -0.67 -5.17
C GLU B 769 -15.78 0.80 -5.51
N GLY B 770 -15.96 1.68 -4.52
CA GLY B 770 -15.81 3.10 -4.75
C GLY B 770 -14.65 3.70 -3.99
N THR B 771 -14.67 5.01 -3.82
CA THR B 771 -13.65 5.71 -3.06
C THR B 771 -13.81 5.42 -1.57
N PRO B 772 -12.74 5.58 -0.77
CA PRO B 772 -12.88 5.39 0.68
C PRO B 772 -13.87 6.33 1.35
N ALA B 773 -14.04 7.55 0.82
CA ALA B 773 -15.05 8.44 1.37
C ALA B 773 -16.45 7.99 1.03
N GLU B 774 -16.63 7.35 -0.13
CA GLU B 774 -17.95 6.83 -0.50
C GLU B 774 -18.30 5.60 0.31
N SER B 775 -17.29 4.85 0.76
CA SER B 775 -17.55 3.70 1.60
C SER B 775 -18.01 4.11 2.99
N ARG B 776 -17.54 5.26 3.48
CA ARG B 776 -17.88 5.72 4.82
C ARG B 776 -19.32 6.22 4.91
N GLU B 777 -19.99 6.48 3.79
CA GLU B 777 -21.36 6.97 3.84
C GLU B 777 -22.34 5.88 4.29
N LYS B 778 -21.98 4.62 4.15
CA LYS B 778 -22.85 3.50 4.47
C LYS B 778 -22.56 2.90 5.83
N ASN B 779 -21.73 3.54 6.64
CA ASN B 779 -21.41 3.02 7.96
C ASN B 779 -22.60 3.13 8.89
N ARG B 780 -22.71 2.18 9.81
CA ARG B 780 -23.82 2.14 10.75
C ARG B 780 -23.31 1.75 12.12
N GLU B 781 -24.13 2.02 13.14
CA GLU B 781 -23.75 1.75 14.51
C GLU B 781 -23.92 0.27 14.84
N CYS B 782 -23.43 -0.11 16.02
CA CYS B 782 -23.54 -1.49 16.49
C CYS B 782 -24.94 -1.75 17.02
N ILE B 783 -25.51 -2.89 16.63
CA ILE B 783 -26.88 -3.25 16.98
C ILE B 783 -26.93 -4.47 17.88
N LEU B 784 -25.81 -4.88 18.46
CA LEU B 784 -25.77 -6.05 19.33
C LEU B 784 -24.75 -5.79 20.44
N LEU B 785 -25.26 -5.43 21.62
CA LEU B 785 -24.47 -5.19 22.84
C LEU B 785 -23.43 -4.09 22.65
N ASP B 786 -23.70 -3.16 21.73
CA ASP B 786 -22.80 -2.06 21.33
C ASP B 786 -21.43 -2.57 20.89
N PHE B 787 -21.40 -3.77 20.29
CA PHE B 787 -20.14 -4.36 19.84
C PHE B 787 -20.20 -4.97 18.46
N PHE B 788 -21.36 -5.37 17.95
CA PHE B 788 -21.45 -6.06 16.68
C PHE B 788 -22.42 -5.32 15.77
N ASP B 789 -22.00 -5.08 14.53
CA ASP B 789 -22.84 -4.43 13.55
C ASP B 789 -23.59 -5.50 12.74
N ASP B 790 -24.17 -5.09 11.61
CA ASP B 790 -24.95 -6.01 10.79
C ASP B 790 -24.07 -7.04 10.09
N HIS B 791 -22.87 -6.66 9.68
CA HIS B 791 -22.00 -7.61 9.00
C HIS B 791 -21.41 -8.63 9.97
N ASP B 792 -21.20 -8.25 11.23
CA ASP B 792 -20.67 -9.20 12.18
C ASP B 792 -21.73 -10.20 12.62
N ILE B 793 -23.00 -9.80 12.58
CA ILE B 793 -24.09 -10.74 12.83
C ILE B 793 -24.20 -11.75 11.69
N TRP B 794 -23.93 -11.30 10.45
CA TRP B 794 -23.88 -12.20 9.30
C TRP B 794 -22.79 -13.26 9.45
N HIS B 795 -21.68 -12.92 10.10
CA HIS B 795 -20.65 -13.92 10.38
C HIS B 795 -21.13 -14.94 11.38
N PHE B 796 -22.05 -14.56 12.28
CA PHE B 796 -22.58 -15.50 13.24
C PHE B 796 -23.61 -16.42 12.61
N LEU B 797 -24.56 -15.85 11.86
CA LEU B 797 -25.68 -16.63 11.35
C LEU B 797 -25.29 -17.51 10.18
N SER B 798 -24.34 -17.08 9.34
CA SER B 798 -23.90 -17.93 8.25
C SER B 798 -23.06 -19.09 8.76
N ALA B 799 -22.42 -18.93 9.92
CA ALA B 799 -21.72 -20.05 10.55
C ALA B 799 -22.72 -21.11 11.00
N THR B 800 -23.86 -20.69 11.56
CA THR B 800 -24.89 -21.64 11.96
C THR B 800 -25.60 -22.23 10.75
N ALA B 801 -25.85 -21.41 9.73
CA ALA B 801 -26.59 -21.87 8.56
C ALA B 801 -25.77 -22.83 7.71
N LEU B 802 -24.45 -22.63 7.65
CA LEU B 802 -23.59 -23.61 6.98
C LEU B 802 -23.51 -24.90 7.78
N PHE B 803 -23.51 -24.80 9.11
CA PHE B 803 -23.40 -25.98 9.95
C PHE B 803 -24.66 -26.83 9.91
N PHE B 804 -25.82 -26.19 9.94
CA PHE B 804 -27.07 -26.95 9.92
C PHE B 804 -27.37 -27.51 8.54
N SER B 805 -26.95 -26.83 7.47
CA SER B 805 -27.11 -27.38 6.13
C SER B 805 -26.17 -28.55 5.90
N PHE B 806 -24.97 -28.50 6.49
CA PHE B 806 -24.04 -29.62 6.36
C PHE B 806 -24.51 -30.81 7.19
N LEU B 807 -25.19 -30.55 8.31
CA LEU B 807 -25.72 -31.63 9.12
C LEU B 807 -26.95 -32.27 8.48
N VAL B 808 -27.65 -31.52 7.61
CA VAL B 808 -28.76 -32.10 6.86
C VAL B 808 -28.24 -33.14 5.87
N LEU B 809 -27.15 -32.82 5.17
CA LEU B 809 -26.58 -33.73 4.19
C LEU B 809 -25.97 -34.98 4.83
N LEU B 810 -25.51 -34.88 6.08
CA LEU B 810 -25.05 -36.08 6.78
C LEU B 810 -26.21 -36.98 7.16
N THR B 811 -27.36 -36.40 7.44
CA THR B 811 -28.55 -37.16 7.82
C THR B 811 -29.36 -37.48 6.57
N LEU B 812 -30.64 -37.87 6.75
CA LEU B 812 -31.61 -38.25 5.73
C LEU B 812 -31.22 -39.52 4.97
N ASP B 813 -30.33 -40.33 5.54
CA ASP B 813 -29.93 -41.61 4.94
C ASP B 813 -30.00 -42.74 5.95
N ASP B 814 -30.77 -42.58 7.01
CA ASP B 814 -30.89 -43.61 8.04
C ASP B 814 -31.85 -44.73 7.65
N ASP B 815 -32.65 -44.54 6.61
CA ASP B 815 -33.56 -45.57 6.14
C ASP B 815 -32.89 -46.41 5.05
C1 NAG C . 25.61 32.94 8.87
C2 NAG C . 26.46 33.70 7.86
C3 NAG C . 27.30 32.74 7.02
C4 NAG C . 28.11 31.82 7.92
C5 NAG C . 27.20 31.14 8.96
C6 NAG C . 27.97 30.33 9.98
C7 NAG C . 24.69 34.28 6.16
C8 NAG C . 24.06 35.43 5.43
N2 NAG C . 25.68 34.61 7.02
O3 NAG C . 28.16 33.49 6.17
O4 NAG C . 28.76 30.82 7.14
O5 NAG C . 26.45 32.13 9.69
O6 NAG C . 28.70 31.16 10.87
O7 NAG C . 24.32 33.11 5.97
C1 NAG C . 30.19 31.06 7.12
C2 NAG C . 30.91 29.73 6.92
C3 NAG C . 32.42 29.95 6.84
C4 NAG C . 32.77 31.00 5.79
C5 NAG C . 31.94 32.28 6.00
C6 NAG C . 32.12 33.30 4.90
C7 NAG C . 29.98 27.62 7.77
C8 NAG C . 29.73 26.78 8.98
N2 NAG C . 30.58 28.80 7.98
O3 NAG C . 33.05 28.72 6.54
O4 NAG C . 34.15 31.34 5.89
O5 NAG C . 30.55 31.96 6.06
O6 NAG C . 31.28 33.00 3.79
O7 NAG C . 29.67 27.25 6.64
C1 BMA C . 34.90 30.81 4.77
C2 BMA C . 36.26 31.57 4.72
C3 BMA C . 37.19 30.92 3.68
C4 BMA C . 37.26 29.38 3.81
C5 BMA C . 35.84 28.80 3.80
C6 BMA C . 35.81 27.29 3.98
O2 BMA C . 36.92 31.48 5.98
O3 BMA C . 38.50 31.48 3.74
O4 BMA C . 38.01 28.83 2.75
O5 BMA C . 35.09 29.40 4.89
O6 BMA C . 36.21 26.99 5.31
C1 NAG D . 13.63 34.91 -28.82
C2 NAG D . 13.78 33.62 -29.64
C3 NAG D . 15.26 33.33 -29.91
C4 NAG D . 15.95 34.54 -30.54
C5 NAG D . 15.70 35.79 -29.70
C6 NAG D . 16.22 37.05 -30.34
C7 NAG D . 11.91 32.08 -29.25
C8 NAG D . 11.42 30.90 -28.46
N2 NAG D . 13.15 32.50 -28.96
O3 NAG D . 15.36 32.20 -30.76
O4 NAG D . 17.35 34.30 -30.61
O5 NAG D . 14.29 35.99 -29.50
O6 NAG D . 16.02 37.03 -31.76
O7 NAG D . 11.22 32.62 -30.10
C1 NAG D . 17.76 34.13 -31.99
C2 NAG D . 19.25 34.48 -32.09
C3 NAG D . 19.75 34.27 -33.52
C4 NAG D . 19.42 32.86 -34.00
C5 NAG D . 17.93 32.57 -33.83
C6 NAG D . 17.54 31.16 -34.19
C7 NAG D . 20.39 36.16 -30.71
C8 NAG D . 20.52 37.62 -30.38
N2 NAG D . 19.50 35.85 -31.66
O3 NAG D . 21.14 34.52 -33.57
O4 NAG D . 19.78 32.71 -35.38
O5 NAG D . 17.54 32.79 -32.46
O6 NAG D . 18.55 30.23 -33.79
O7 NAG D . 21.07 35.30 -30.14
C1 BMA D . 20.95 31.87 -35.50
C2 BMA D . 20.94 31.24 -36.91
C3 BMA D . 22.28 30.49 -37.16
C4 BMA D . 23.51 31.36 -36.81
C5 BMA D . 23.37 31.88 -35.37
C6 BMA D . 24.51 32.79 -34.96
O2 BMA D . 20.82 32.22 -37.92
O3 BMA D . 22.38 30.03 -38.51
O4 BMA D . 24.69 30.59 -36.93
O5 BMA D . 22.14 32.63 -35.28
O6 BMA D . 24.32 33.18 -33.61
C1 NAG E . 14.83 49.49 -10.82
C2 NAG E . 13.83 50.63 -10.68
C3 NAG E . 13.51 51.23 -12.04
C4 NAG E . 14.80 51.65 -12.76
C5 NAG E . 15.79 50.49 -12.81
C6 NAG E . 17.14 50.89 -13.35
C7 NAG E . 12.00 50.95 -9.08
C8 NAG E . 10.75 50.36 -8.50
N2 NAG E . 12.62 50.21 -10.00
O3 NAG E . 12.64 52.33 -11.87
O4 NAG E . 14.50 52.05 -14.09
O5 NAG E . 16.01 49.96 -11.49
O6 NAG E . 17.93 49.75 -13.65
O7 NAG E . 12.41 52.05 -8.75
C1 NAG E . 14.57 53.48 -14.23
C2 NAG E . 15.16 53.84 -15.60
C3 NAG E . 15.17 55.36 -15.79
C4 NAG E . 13.78 55.93 -15.56
C5 NAG E . 13.24 55.50 -14.20
C6 NAG E . 11.81 55.93 -13.97
C7 NAG E . 16.83 52.47 -16.75
C8 NAG E . 18.26 52.00 -16.77
N2 NAG E . 16.50 53.29 -15.76
O3 NAG E . 15.63 55.67 -17.10
O4 NAG E . 13.83 57.35 -15.62
O5 NAG E . 13.27 54.08 -14.09
O6 NAG E . 10.91 54.86 -14.24
O7 NAG E . 16.03 52.12 -17.61
C1 NAG F . 14.63 48.59 20.59
C2 NAG F . 15.18 49.47 19.45
C3 NAG F . 14.34 50.74 19.29
C4 NAG F . 14.18 51.49 20.60
C5 NAG F . 13.85 50.53 21.74
C6 NAG F . 12.67 50.97 22.58
C7 NAG F . 17.56 49.62 18.75
C8 NAG F . 17.15 49.04 17.43
N2 NAG F . 16.58 49.80 19.66
O3 NAG F . 13.06 50.39 18.78
O4 NAG F . 15.36 52.22 20.91
O5 NAG F . 13.51 49.25 21.21
O6 NAG F . 11.96 49.86 23.10
O7 NAG F . 18.72 49.92 18.99
C1 NAG F . 15.28 53.47 20.20
C2 NAG F . 15.41 54.62 21.21
C3 NAG F . 16.45 55.65 20.74
C4 NAG F . 16.26 56.00 19.26
C5 NAG F . 16.16 54.75 18.40
C6 NAG F . 17.22 54.68 17.32
C7 NAG F . 13.34 54.94 22.48
C8 NAG F . 12.05 55.71 22.57
N2 NAG F . 14.13 55.26 21.45
O3 NAG F . 17.76 55.13 20.95
O4 NAG F . 15.09 56.79 19.10
O5 NAG F . 16.30 53.58 19.20
O6 NAG F . 17.69 53.34 17.15
O7 NAG F . 13.65 54.09 23.30
C1 NAG G . -16.81 39.13 2.31
C2 NAG G . -17.49 39.74 3.53
C3 NAG G . -18.57 38.80 4.07
C4 NAG G . -19.54 38.41 2.96
C5 NAG G . -18.78 37.87 1.74
C6 NAG G . -19.67 37.60 0.55
C7 NAG G . -15.70 39.36 5.25
C8 NAG G . -14.85 40.05 6.27
N2 NAG G . -16.55 40.15 4.57
O3 NAG G . -19.26 39.44 5.14
O4 NAG G . -20.43 37.40 3.44
O5 NAG G . -17.79 38.83 1.31
O6 NAG G . -20.16 38.81 -0.02
O7 NAG G . -15.63 38.13 5.07
C1 NAG G . -21.76 37.95 3.58
C2 NAG G . -22.78 36.83 3.40
C3 NAG G . -24.20 37.37 3.60
C4 NAG G . -24.33 38.11 4.92
C5 NAG G . -23.23 39.16 5.06
C6 NAG G . -23.20 39.81 6.43
C7 NAG G . -22.35 34.91 1.93
C8 NAG G . -22.26 34.44 0.51
N2 NAG G . -22.65 36.21 2.10
O3 NAG G . -25.11 36.28 3.54
O4 NAG G . -25.59 38.77 4.98
O5 NAG G . -21.94 38.56 4.87
O6 NAG G . -22.50 39.01 7.37
O7 NAG G . -22.17 34.16 2.88
C1 BMA G . -26.49 38.12 5.92
C2 BMA G . -27.63 39.13 6.24
C3 BMA G . -28.73 38.44 7.08
C4 BMA G . -29.15 37.07 6.49
C5 BMA G . -27.91 36.19 6.27
C6 BMA G . -28.23 34.85 5.65
O2 BMA G . -28.25 39.58 5.04
O3 BMA G . -29.87 39.28 7.23
O4 BMA G . -30.05 36.43 7.37
O5 BMA G . -27.00 36.90 5.39
O6 BMA G . -28.63 35.06 4.31
C1 NAG H . -6.08 26.90 38.40
C2 NAG H . -6.56 25.50 38.80
C3 NAG H . -8.08 25.49 39.03
C4 NAG H . -8.49 26.58 40.02
C5 NAG H . -7.92 27.94 39.58
C6 NAG H . -8.15 29.03 40.59
C7 NAG H . -5.10 23.74 37.90
C8 NAG H . -4.87 22.78 36.78
N2 NAG H . -6.19 24.51 37.80
O3 NAG H . -8.47 24.21 39.51
O4 NAG H . -9.91 26.67 40.07
O5 NAG H . -6.49 27.84 39.40
O6 NAG H . -8.01 28.54 41.93
O7 NAG H . -4.33 23.83 38.85
C1 NAG H . -10.40 26.20 41.34
C2 NAG H . -11.76 26.84 41.59
C3 NAG H . -12.35 26.34 42.91
C4 NAG H . -12.38 24.81 42.94
C5 NAG H . -10.99 24.25 42.64
C6 NAG H . -10.96 22.74 42.54
C7 NAG H . -12.42 29.08 40.83
C8 NAG H . -12.20 30.55 40.95
N2 NAG H . -11.67 28.29 41.60
O3 NAG H . -13.65 26.88 43.09
O4 NAG H . -12.82 24.35 44.22
O5 NAG H . -10.51 24.76 41.39
O6 NAG H . -12.14 22.24 41.93
O7 NAG H . -13.27 28.61 40.05
C1 BMA H . -14.16 23.81 44.13
C2 BMA H . -14.35 22.80 45.28
C3 BMA H . -15.83 22.35 45.36
C4 BMA H . -16.81 23.54 45.32
C5 BMA H . -16.50 24.43 44.10
C6 BMA H . -17.38 25.66 44.02
O2 BMA H . -14.04 23.38 46.54
O3 BMA H . -16.08 21.55 46.50
O4 BMA H . -18.14 23.08 45.25
O5 BMA H . -15.12 24.86 44.20
O6 BMA H . -17.05 26.37 42.84
C1 NAG I . -3.17 46.03 25.63
C2 NAG I . -1.93 46.90 25.80
C3 NAG I . -1.52 46.97 27.26
C4 NAG I . -2.70 47.45 28.12
C5 NAG I . -3.93 46.59 27.86
C6 NAG I . -5.17 47.12 28.54
C7 NAG I . -0.01 47.24 24.31
C8 NAG I . 1.08 46.57 23.52
N2 NAG I . -0.82 46.43 24.98
O3 NAG I . -0.41 47.84 27.40
O4 NAG I . -2.37 47.35 29.50
O5 NAG I . -4.23 46.55 26.45
O6 NAG I . -6.22 46.16 28.52
O7 NAG I . -0.15 48.45 24.33
C1 NAG I . -2.11 48.65 30.07
C2 NAG I . -2.65 48.71 31.50
C3 NAG I . -2.31 50.07 32.12
C4 NAG I . -0.81 50.34 32.04
C5 NAG I . -0.33 50.22 30.59
C6 NAG I . 1.16 50.34 30.45
C7 NAG I . -4.63 47.50 32.25
C8 NAG I . -6.13 47.38 32.18
N2 NAG I . -4.08 48.47 31.53
O3 NAG I . -2.72 50.07 33.49
O4 NAG I . -0.53 51.64 32.52
O5 NAG I . -0.70 48.94 30.06
O6 NAG I . 1.77 49.06 30.35
O7 NAG I . -3.96 46.73 32.93
C1 NAG J . -2.05 54.54 -4.60
C2 NAG J . -2.41 55.13 -3.23
C3 NAG J . -1.30 56.06 -2.72
C4 NAG J . -0.92 57.11 -3.76
C5 NAG J . -0.79 56.49 -5.15
C6 NAG J . 0.49 56.87 -5.86
C7 NAG J . -4.71 55.63 -2.43
C8 NAG J . -4.50 54.60 -1.37
N2 NAG J . -3.69 55.83 -3.28
O3 NAG J . -0.16 55.29 -2.39
O4 NAG J . -1.89 58.15 -3.80
O5 NAG J . -0.78 55.06 -5.03
O6 NAG J . 0.94 55.83 -6.72
O7 NAG J . -5.76 56.25 -2.53
C1 NAG J . -1.54 59.08 -2.75
C2 NAG J . -1.36 60.48 -3.37
C3 NAG J . -2.15 61.53 -2.57
C4 NAG J . -1.95 61.37 -1.06
C5 NAG J . -2.16 59.94 -0.62
C6 NAG J . -3.25 59.80 0.42
C7 NAG J . 0.78 60.67 -4.55
C8 NAG J . 2.20 61.10 -4.46
N2 NAG J . 0.04 60.84 -3.45
O3 NAG J . -3.54 61.42 -2.88
O4 NAG J . -0.62 61.78 -0.71
O5 NAG J . -2.54 59.13 -1.73
O6 NAG J . -4.02 58.62 0.20
O7 NAG J . 0.30 60.20 -5.58
ZN ZN K . 14.14 -11.87 -9.83
ZN ZN L . -16.89 -10.59 6.35
#